data_8DCY
#
_entry.id   8DCY
#
_cell.length_a   175.919
_cell.length_b   175.919
_cell.length_c   93.220
_cell.angle_alpha   90.000
_cell.angle_beta   90.000
_cell.angle_gamma   90.000
#
_symmetry.space_group_name_H-M   'P 43 21 2'
#
loop_
_entity.id
_entity.type
_entity.pdbx_description
1 polymer '13G8 Heavy Chain'
2 polymer '13G8 Light Chain'
3 polymer 'Envelopment polyprotein'
4 branched 2-acetamido-2-deoxy-beta-D-glucopyranose-(1-4)-2-acetamido-2-deoxy-beta-D-glucopyranose
5 water water
#
loop_
_entity_poly.entity_id
_entity_poly.type
_entity_poly.pdbx_seq_one_letter_code
_entity_poly.pdbx_strand_id
1 'polypeptide(L)'
;DVQLQQSGPGLVAPSQSLSITCTVSGFSLTNYGIHWVRQPPGKGLEWLGVIWAGGYTKYNSALMSRLSMSKDNSKSQVFL
KMNSLQTDDTAMYYCARDEVRRDYYAMDHWGQGTTVTVSSASTKGPSVFPLAPSSKSTSGGTAALGCLVKDYFPEPVTVS
WNSGALTSGVHTFPAVLQSSGLYSLSSVVTVPSSSLGTQTYICNVNHKPSNTKVDKKVEPKSCGSHHHHHHHH
;
A
2 'polypeptide(L)'
;DIQMTQSPAILSASPGEKVTMTCWASSGVSYMHWYQQKPGSSPKPWIFATSNLASGVPARFSGSGSGTSYSLTISRVEAE
DAATYYCQQWSFNPLTFGAGTKLEIKRTVAAPSVFIFPPSDEQLKSGTASVVCLLNNFYPREAKVQWKVDNALQSGNSQE
SVTEQDSKDSTYSLSSTLTLSKADYEKHKVYACEVTHQGLSSPVTKSFNRGEC
;
B
3 'polypeptide(L)'
;NLEMEIILTLSQGLKKYYGKILKLLHLTLEEDTEGLLEWCKRNLGSNCDDDFFQKRIEEFFITGEGYFNEVLQFKTLSTP
SSTEPSHARLPTAEPFKSYFAKGFLSIDSGYFSAKCYPRSSTSGLQLINVTQHPARIAETPGPKTTSLKTINCINLRASV
FKEHREVEINVLLPQIAVNLSNCHVVINSHVCDYSLDTDGPVRLPRIYHEGTFMPGTYKIVIDRKNKLNDRCTLVTNCVI
KGREVRKGQSVLRQYKTEIKIGKAPTGSLEVLFQ
;
C
#
# COMPACT_ATOMS: atom_id res chain seq x y z
N VAL A 2 1.89 17.68 0.25
CA VAL A 2 2.70 17.99 -0.93
C VAL A 2 2.63 16.80 -1.89
N GLN A 3 2.30 17.07 -3.16
CA GLN A 3 2.25 16.07 -4.22
C GLN A 3 3.48 15.93 -5.12
N LEU A 4 3.66 14.68 -5.54
CA LEU A 4 4.70 14.11 -6.39
C LEU A 4 4.39 14.31 -7.88
N GLN A 5 5.42 14.57 -8.68
CA GLN A 5 5.24 14.77 -10.12
C GLN A 5 6.35 14.12 -10.92
N GLN A 6 5.94 13.29 -11.88
CA GLN A 6 6.80 12.53 -12.77
C GLN A 6 7.02 13.26 -14.10
N SER A 7 8.22 13.11 -14.65
CA SER A 7 8.47 13.43 -16.06
C SER A 7 7.34 12.95 -16.96
N PRO A 9 6.31 10.98 -20.56
CA PRO A 9 6.00 10.45 -21.89
C PRO A 9 7.24 9.99 -22.65
N GLY A 10 7.11 8.97 -23.49
CA GLY A 10 8.25 8.56 -24.28
C GLY A 10 7.95 7.36 -25.16
N LEU A 11 9.02 6.85 -25.75
CA LEU A 11 9.04 5.81 -26.78
C LEU A 11 10.30 4.99 -26.56
N VAL A 12 10.14 3.66 -26.57
CA VAL A 12 11.29 2.76 -26.47
C VAL A 12 11.10 1.61 -27.43
N ALA A 13 12.25 0.96 -27.79
CA ALA A 13 12.42 -0.14 -28.73
C ALA A 13 12.19 -1.50 -28.09
N PRO A 14 11.78 -2.50 -28.90
CA PRO A 14 11.77 -3.93 -28.58
C PRO A 14 13.09 -4.44 -28.00
N ILE A 20 13.55 5.95 -16.55
CA ILE A 20 12.37 6.77 -16.33
C ILE A 20 12.55 7.48 -14.98
N THR A 21 12.12 8.74 -14.88
CA THR A 21 12.26 9.53 -13.66
C THR A 21 10.95 9.92 -12.97
N CYS A 22 10.96 9.79 -11.64
CA CYS A 22 9.91 10.26 -10.73
C CYS A 22 10.47 11.34 -9.82
N THR A 23 9.92 12.54 -9.89
CA THR A 23 10.32 13.62 -8.99
C THR A 23 9.40 13.68 -7.78
N VAL A 24 9.99 13.71 -6.59
CA VAL A 24 9.22 13.63 -5.36
C VAL A 24 9.44 14.91 -4.57
N SER A 25 8.53 15.18 -3.64
CA SER A 25 8.62 16.42 -2.90
C SER A 25 7.84 16.34 -1.60
N SER A 28 10.57 12.87 1.39
CA SER A 28 12.00 12.59 1.49
C SER A 28 12.32 11.17 1.04
N LEU A 29 13.28 11.01 0.13
CA LEU A 29 13.76 9.67 -0.25
C LEU A 29 14.52 8.95 0.86
N THR A 30 15.08 9.66 1.84
CA THR A 30 15.71 9.03 2.98
C THR A 30 14.74 8.42 3.99
N ASN A 31 13.44 8.68 3.88
CA ASN A 31 12.49 8.11 4.82
C ASN A 31 11.48 7.15 4.22
N TYR A 32 11.29 7.15 2.91
CA TYR A 32 10.13 6.48 2.32
C TYR A 32 10.45 5.58 1.15
N GLY A 33 9.81 4.41 1.17
CA GLY A 33 9.87 3.49 0.05
C GLY A 33 9.08 4.05 -1.12
N ILE A 34 9.55 3.73 -2.33
CA ILE A 34 8.90 4.19 -3.55
C ILE A 34 8.61 2.99 -4.41
N HIS A 35 7.41 3.00 -4.99
CA HIS A 35 6.78 1.87 -5.62
C HIS A 35 6.55 2.26 -7.08
N TRP A 36 6.37 1.23 -7.89
CA TRP A 36 6.04 1.38 -9.29
C TRP A 36 4.75 0.66 -9.62
N VAL A 37 3.96 1.27 -10.48
CA VAL A 37 2.66 0.71 -10.84
C VAL A 37 2.50 1.00 -12.33
N ARG A 38 1.91 0.07 -13.05
CA ARG A 38 1.60 0.35 -14.44
C ARG A 38 0.15 -0.02 -14.69
N GLN A 39 -0.38 0.49 -15.78
CA GLN A 39 -1.74 0.17 -16.19
C GLN A 39 -1.64 -0.15 -17.67
N PRO A 40 -1.79 -1.42 -18.04
CA PRO A 40 -1.90 -1.80 -19.45
C PRO A 40 -3.19 -1.27 -20.03
N PRO A 41 -3.20 -0.84 -21.29
CA PRO A 41 -4.43 -0.21 -21.77
C PRO A 41 -5.56 -1.21 -21.63
N GLY A 42 -6.61 -0.80 -20.94
CA GLY A 42 -7.71 -1.68 -20.61
C GLY A 42 -7.94 -1.69 -19.11
N LYS A 43 -7.55 -0.59 -18.48
CA LYS A 43 -7.67 -0.34 -17.04
C LYS A 43 -7.03 -1.39 -16.12
N GLY A 44 -6.14 -2.27 -16.59
CA GLY A 44 -5.55 -3.25 -15.69
C GLY A 44 -4.43 -2.66 -14.83
N LEU A 45 -3.71 -3.54 -14.13
CA LEU A 45 -2.68 -3.09 -13.18
C LEU A 45 -1.70 -4.23 -12.89
N GLU A 46 -0.39 -3.91 -12.89
CA GLU A 46 0.66 -4.85 -12.53
C GLU A 46 1.58 -4.22 -11.51
N TRP A 47 1.80 -4.89 -10.37
CA TRP A 47 2.80 -4.41 -9.41
C TRP A 47 4.22 -4.76 -9.85
N LEU A 48 5.14 -3.79 -9.82
CA LEU A 48 6.49 -4.06 -10.30
C LEU A 48 7.59 -4.15 -9.25
N GLY A 49 7.64 -3.25 -8.27
CA GLY A 49 8.69 -3.32 -7.27
C GLY A 49 8.67 -2.13 -6.35
N VAL A 50 9.61 -2.13 -5.39
CA VAL A 50 9.76 -1.06 -4.40
C VAL A 50 11.23 -0.84 -4.05
N ILE A 51 11.63 0.42 -3.86
CA ILE A 51 12.92 0.73 -3.28
C ILE A 51 12.70 1.43 -1.96
N TRP A 52 13.17 0.82 -0.88
CA TRP A 52 13.06 1.41 0.45
C TRP A 52 14.14 2.46 0.65
N ALA A 53 14.02 3.19 1.76
CA ALA A 53 14.98 4.24 2.08
C ALA A 53 16.42 3.74 2.10
N GLY A 54 16.66 2.57 2.69
CA GLY A 54 18.04 2.08 2.72
C GLY A 54 18.60 1.54 1.41
N GLY A 55 17.81 1.39 0.35
CA GLY A 55 18.36 1.00 -0.94
C GLY A 55 18.19 -0.45 -1.34
N TYR A 56 17.68 -1.31 -0.46
CA TYR A 56 17.36 -2.69 -0.80
C TYR A 56 16.18 -2.78 -1.77
N THR A 57 16.16 -3.85 -2.57
CA THR A 57 15.20 -3.94 -3.65
C THR A 57 14.45 -5.26 -3.54
N LYS A 58 13.21 -5.25 -4.03
CA LYS A 58 12.41 -6.45 -4.22
C LYS A 58 11.71 -6.39 -5.57
N TYR A 59 11.74 -7.47 -6.34
CA TYR A 59 11.12 -7.44 -7.65
C TYR A 59 10.03 -8.51 -7.78
N ASN A 60 9.06 -8.21 -8.63
CA ASN A 60 8.09 -9.17 -9.16
C ASN A 60 8.78 -10.25 -9.97
N SER A 61 8.54 -11.51 -9.65
CA SER A 61 9.30 -12.57 -10.31
C SER A 61 8.96 -12.67 -11.79
N ALA A 62 7.76 -12.26 -12.20
CA ALA A 62 7.43 -12.24 -13.63
C ALA A 62 8.33 -11.35 -14.48
N LEU A 63 9.02 -10.35 -13.91
CA LEU A 63 9.92 -9.49 -14.71
C LEU A 63 11.26 -10.16 -15.02
N MET A 64 11.54 -11.30 -14.41
CA MET A 64 12.69 -12.15 -14.71
C MET A 64 14.02 -11.43 -14.45
N SER A 65 14.05 -10.63 -13.37
CA SER A 65 15.24 -9.83 -13.01
C SER A 65 15.81 -9.03 -14.19
N ARG A 66 14.98 -8.58 -15.12
CA ARG A 66 15.47 -7.71 -16.18
C ARG A 66 15.55 -6.23 -15.80
N LEU A 67 14.96 -5.80 -14.68
CA LEU A 67 14.93 -4.37 -14.37
C LEU A 67 15.90 -4.00 -13.25
N MET A 69 16.37 -0.51 -11.55
CA MET A 69 15.83 0.22 -10.42
C MET A 69 16.89 0.55 -9.37
N SER A 70 17.00 1.84 -9.03
CA SER A 70 18.04 2.31 -8.12
C SER A 70 17.72 3.71 -7.58
N ASN A 73 16.81 10.50 -4.30
CA ASN A 73 18.08 10.17 -3.67
C ASN A 73 18.66 11.36 -2.92
N SER A 74 19.78 11.86 -3.44
CA SER A 74 20.47 12.96 -2.81
C SER A 74 19.66 14.23 -2.91
N LYS A 75 18.93 14.42 -4.01
CA LYS A 75 18.07 15.58 -4.14
C LYS A 75 16.58 15.23 -4.29
N SER A 76 16.07 14.24 -3.54
CA SER A 76 14.66 13.83 -3.65
C SER A 76 14.25 13.22 -4.99
N GLN A 77 15.06 12.36 -5.58
CA GLN A 77 14.80 11.88 -6.93
C GLN A 77 14.75 10.36 -6.94
N VAL A 78 13.81 9.81 -7.72
CA VAL A 78 13.69 8.38 -7.96
C VAL A 78 13.85 8.06 -9.44
N PHE A 79 14.65 7.02 -9.72
CA PHE A 79 15.05 6.60 -11.06
C PHE A 79 14.53 5.18 -11.31
N LEU A 80 13.89 4.96 -12.47
CA LEU A 80 13.59 3.61 -12.98
C LEU A 80 14.45 2.51 -12.42
N ASN A 83 14.49 -3.64 -19.43
CA ASN A 83 15.28 -4.06 -20.59
C ASN A 83 14.52 -5.11 -21.38
N SER A 84 14.93 -5.30 -22.64
CA SER A 84 14.36 -6.28 -23.57
C SER A 84 12.83 -6.10 -23.57
N LEU A 85 12.46 -4.86 -23.90
CA LEU A 85 11.09 -4.38 -23.81
C LEU A 85 10.14 -5.11 -24.77
N GLN A 86 8.91 -5.36 -24.30
CA GLN A 86 7.89 -5.97 -25.14
C GLN A 86 6.71 -5.03 -25.30
N THR A 87 5.90 -5.29 -26.33
CA THR A 87 4.71 -4.49 -26.58
C THR A 87 3.64 -4.63 -25.50
N ASP A 88 3.65 -5.74 -24.74
CA ASP A 88 2.76 -5.88 -23.59
C ASP A 88 3.04 -4.85 -22.51
N ASP A 89 4.22 -4.25 -22.50
CA ASP A 89 4.61 -3.29 -21.49
C ASP A 89 4.15 -1.86 -21.79
N THR A 90 3.44 -1.63 -22.87
CA THR A 90 2.80 -0.32 -23.08
C THR A 90 1.75 -0.06 -21.99
N ALA A 91 1.91 1.06 -21.28
CA ALA A 91 1.08 1.31 -20.11
C ALA A 91 1.22 2.76 -19.65
N MET A 92 0.26 3.19 -18.82
CA MET A 92 0.46 4.35 -17.97
C MET A 92 1.23 3.96 -16.72
N TYR A 93 2.32 4.66 -16.45
CA TYR A 93 3.18 4.36 -15.30
C TYR A 93 3.01 5.37 -14.18
N TYR A 94 2.82 4.85 -12.97
CA TYR A 94 2.55 5.62 -11.75
C TYR A 94 3.69 5.38 -10.76
N CYS A 95 4.19 6.47 -10.21
CA CYS A 95 4.97 6.47 -8.99
C CYS A 95 4.12 6.60 -7.73
N ALA A 96 4.54 5.90 -6.67
CA ALA A 96 3.70 5.79 -5.46
C ALA A 96 4.58 5.49 -4.25
N ARG A 97 4.04 5.72 -3.05
CA ARG A 97 4.91 5.58 -1.88
C ARG A 97 4.09 5.06 -0.70
N ASP A 98 4.69 4.08 0.00
CA ASP A 98 4.27 3.53 1.30
C ASP A 98 4.23 4.44 2.54
N GLU A 99 3.11 4.41 3.28
CA GLU A 99 3.03 5.04 4.60
C GLU A 99 3.00 3.92 5.65
N VAL A 100 4.15 3.69 6.29
CA VAL A 100 4.28 2.67 7.33
C VAL A 100 3.45 3.00 8.58
N ARG A 101 2.83 1.98 9.18
CA ARG A 101 1.93 2.05 10.33
C ARG A 101 1.63 0.65 10.83
N ARG A 102 0.37 0.34 11.10
CA ARG A 102 0.07 -1.00 11.56
C ARG A 102 -0.58 -1.79 10.44
N ASP A 103 -0.68 -1.14 9.28
CA ASP A 103 -1.23 -1.60 8.02
C ASP A 103 -0.20 -1.05 7.04
N TYR A 104 0.26 -1.85 6.09
CA TYR A 104 1.32 -1.32 5.25
C TYR A 104 0.80 -0.84 3.92
N TYR A 105 1.71 -0.66 2.97
CA TYR A 105 1.42 -0.23 1.61
C TYR A 105 0.78 1.14 1.70
N ALA A 106 -0.54 1.18 1.54
CA ALA A 106 -1.32 2.41 1.67
C ALA A 106 -0.65 3.55 0.91
N MET A 107 -0.47 3.34 -0.39
CA MET A 107 0.10 4.36 -1.23
C MET A 107 -0.92 5.49 -1.34
N ASP A 108 -0.60 6.64 -0.75
CA ASP A 108 -1.61 7.69 -0.66
C ASP A 108 -1.41 8.82 -1.66
N HIS A 109 -0.19 9.04 -2.14
CA HIS A 109 0.05 10.08 -3.13
C HIS A 109 0.64 9.40 -4.36
N TRP A 110 0.10 9.74 -5.52
CA TRP A 110 0.48 9.14 -6.78
C TRP A 110 0.80 10.31 -7.68
N GLY A 111 1.85 10.19 -8.48
CA GLY A 111 1.97 11.16 -9.55
C GLY A 111 0.95 10.89 -10.63
N GLN A 112 0.98 11.76 -11.64
CA GLN A 112 0.03 11.64 -12.74
C GLN A 112 0.34 10.50 -13.69
N GLY A 113 1.57 10.01 -13.72
CA GLY A 113 1.79 8.92 -14.64
C GLY A 113 2.35 9.39 -15.97
N THR A 114 3.03 8.47 -16.66
CA THR A 114 3.55 8.73 -17.99
C THR A 114 3.20 7.55 -18.87
N THR A 115 2.55 7.84 -19.99
CA THR A 115 2.12 6.85 -20.98
C THR A 115 3.30 6.41 -21.85
N VAL A 116 3.59 5.10 -21.84
CA VAL A 116 4.66 4.51 -22.66
C VAL A 116 4.06 3.55 -23.68
N THR A 117 4.35 3.79 -24.95
CA THR A 117 3.94 3.00 -26.11
C THR A 117 5.16 2.27 -26.66
N VAL A 118 5.06 0.96 -26.83
CA VAL A 118 6.17 0.16 -27.34
C VAL A 118 5.91 -0.08 -28.82
N SER A 119 6.74 0.55 -29.65
CA SER A 119 6.59 0.52 -31.10
C SER A 119 7.90 0.90 -31.79
N ALA A 121 8.81 3.18 -34.91
CA ALA A 121 9.83 4.22 -35.00
C ALA A 121 9.26 5.52 -35.56
N SER A 122 7.98 5.75 -35.31
CA SER A 122 7.26 6.86 -35.90
C SER A 122 7.04 7.98 -34.87
N THR A 123 6.85 9.19 -35.40
CA THR A 123 6.49 10.35 -34.59
C THR A 123 5.84 11.36 -35.53
N LYS A 124 4.71 11.92 -35.10
CA LYS A 124 4.10 13.06 -35.76
C LYS A 124 3.56 14.03 -34.71
N GLY A 125 3.94 15.30 -34.84
CA GLY A 125 3.31 16.32 -34.05
C GLY A 125 1.91 16.49 -34.57
N PRO A 126 0.99 16.96 -33.73
CA PRO A 126 -0.39 17.11 -34.20
C PRO A 126 -0.56 18.37 -35.05
N SER A 127 -1.54 18.28 -35.94
CA SER A 127 -2.18 19.45 -36.54
C SER A 127 -3.38 19.88 -35.72
N VAL A 128 -3.60 21.18 -35.63
CA VAL A 128 -4.69 21.74 -34.84
C VAL A 128 -5.57 22.54 -35.78
N PHE A 129 -6.85 22.19 -35.83
CA PHE A 129 -7.83 22.79 -36.71
C PHE A 129 -8.99 23.38 -35.93
N PRO A 130 -9.46 24.56 -36.30
CA PRO A 130 -10.64 25.13 -35.63
C PRO A 130 -11.90 24.36 -35.97
N LEU A 131 -12.75 24.21 -34.96
CA LEU A 131 -14.16 23.84 -35.09
C LEU A 131 -14.97 25.13 -34.93
N ALA A 132 -15.46 25.65 -36.04
CA ALA A 132 -16.03 26.99 -36.07
C ALA A 132 -17.48 26.92 -35.57
N PRO A 133 -17.90 27.89 -34.76
CA PRO A 133 -19.27 27.86 -34.23
C PRO A 133 -20.35 28.14 -35.24
N SER A 134 -21.57 28.33 -34.71
CA SER A 134 -22.74 28.96 -35.30
C SER A 134 -23.78 27.85 -35.43
N SER A 135 -24.44 27.50 -34.34
CA SER A 135 -25.56 26.57 -34.35
C SER A 135 -26.85 27.21 -33.80
N LYS A 136 -27.84 26.36 -33.54
CA LYS A 136 -29.11 26.78 -32.97
C LYS A 136 -28.98 27.21 -31.50
N SER A 137 -29.82 28.18 -31.11
CA SER A 137 -29.72 28.90 -29.84
C SER A 137 -31.00 28.66 -29.03
N THR A 138 -30.95 27.74 -28.08
CA THR A 138 -32.09 27.48 -27.21
C THR A 138 -32.10 28.52 -26.09
N SER A 139 -33.13 29.38 -26.09
CA SER A 139 -33.39 30.42 -25.09
C SER A 139 -32.41 31.58 -25.16
N GLY A 140 -31.15 31.31 -25.51
CA GLY A 140 -30.21 32.42 -25.67
C GLY A 140 -28.76 32.19 -25.27
N GLY A 141 -28.41 31.06 -24.66
CA GLY A 141 -27.03 30.91 -24.28
C GLY A 141 -26.38 29.62 -24.76
N THR A 142 -26.65 29.26 -26.02
CA THR A 142 -26.33 27.95 -26.56
C THR A 142 -25.45 28.11 -27.81
N ALA A 143 -24.26 27.55 -27.76
CA ALA A 143 -23.29 27.66 -28.84
C ALA A 143 -22.25 26.58 -28.59
N ALA A 144 -21.73 26.01 -29.66
CA ALA A 144 -20.66 25.04 -29.59
C ALA A 144 -19.40 25.57 -30.25
N LEU A 145 -18.25 25.22 -29.69
CA LEU A 145 -16.97 25.63 -30.24
C LEU A 145 -15.97 24.53 -29.94
N GLY A 146 -14.82 24.56 -30.63
CA GLY A 146 -13.95 23.40 -30.50
C GLY A 146 -12.61 23.59 -31.20
N CYS A 147 -11.78 22.55 -31.08
CA CYS A 147 -10.57 22.39 -31.89
C CYS A 147 -10.39 20.92 -32.28
N LEU A 148 -9.93 20.62 -33.50
CA LEU A 148 -9.76 19.25 -33.97
C LEU A 148 -8.27 18.91 -33.97
N VAL A 149 -7.85 17.95 -33.16
CA VAL A 149 -6.43 17.63 -32.96
C VAL A 149 -6.07 16.28 -33.59
N LYS A 150 -5.39 16.27 -34.74
CA LYS A 150 -5.31 15.08 -35.60
C LYS A 150 -3.82 14.73 -35.77
N ASP A 151 -3.54 13.62 -36.46
CA ASP A 151 -2.21 13.28 -36.99
C ASP A 151 -1.14 12.89 -35.98
N TYR A 152 -1.41 12.97 -34.68
CA TYR A 152 -0.39 12.61 -33.69
C TYR A 152 -0.33 11.11 -33.41
N PHE A 153 0.78 10.48 -33.80
CA PHE A 153 1.10 9.08 -33.51
C PHE A 153 1.57 8.88 -32.08
N PRO A 154 2.11 9.91 -31.39
CA PRO A 154 2.76 9.64 -30.11
C PRO A 154 1.78 9.52 -28.95
N GLU A 155 2.36 9.44 -27.77
CA GLU A 155 1.60 9.56 -26.53
C GLU A 155 0.82 10.88 -26.45
N PRO A 156 -0.35 10.83 -25.77
CA PRO A 156 -1.40 11.88 -25.86
C PRO A 156 -1.02 13.36 -25.96
N VAL A 157 -2.04 14.11 -26.35
CA VAL A 157 -2.07 15.57 -26.38
C VAL A 157 -3.01 16.05 -25.27
N THR A 158 -2.64 17.16 -24.65
CA THR A 158 -3.49 17.87 -23.68
C THR A 158 -4.01 19.19 -24.22
N VAL A 159 -5.29 19.46 -23.94
CA VAL A 159 -6.00 20.64 -24.41
C VAL A 159 -6.59 21.34 -23.19
N SER A 160 -6.39 22.66 -23.12
CA SER A 160 -7.06 23.53 -22.17
C SER A 160 -7.68 24.70 -22.92
N TRP A 161 -8.58 25.43 -22.28
CA TRP A 161 -9.22 26.55 -22.94
C TRP A 161 -9.02 27.87 -22.22
N ASN A 162 -8.56 28.88 -22.97
CA ASN A 162 -8.23 30.21 -22.44
C ASN A 162 -7.30 30.18 -21.23
N SER A 163 -6.31 29.28 -21.25
CA SER A 163 -5.36 29.17 -20.14
C SER A 163 -6.06 28.94 -18.79
N GLY A 164 -7.20 28.23 -18.82
CA GLY A 164 -7.95 27.88 -17.63
C GLY A 164 -9.17 28.74 -17.35
N ALA A 165 -9.33 29.86 -18.06
CA ALA A 165 -10.47 30.78 -17.94
C ALA A 165 -11.04 30.91 -16.52
N SER A 168 -14.84 24.59 -17.32
CA SER A 168 -16.29 24.40 -17.26
C SER A 168 -16.87 24.34 -18.66
N GLY A 169 -17.66 23.30 -18.94
CA GLY A 169 -18.24 23.11 -20.24
C GLY A 169 -17.32 22.39 -21.21
N VAL A 170 -16.12 22.06 -20.79
CA VAL A 170 -15.10 21.43 -21.62
C VAL A 170 -15.29 19.93 -21.63
N HIS A 171 -15.43 19.34 -22.82
CA HIS A 171 -15.45 17.89 -22.99
C HIS A 171 -14.36 17.53 -23.99
N THR A 172 -13.40 16.72 -23.55
CA THR A 172 -12.26 16.31 -24.38
C THR A 172 -12.37 14.83 -24.67
N PHE A 173 -12.57 14.49 -25.94
CA PHE A 173 -12.85 13.10 -26.29
C PHE A 173 -11.58 12.25 -26.23
N PRO A 174 -11.72 10.98 -25.88
CA PRO A 174 -10.66 10.00 -26.19
C PRO A 174 -10.11 10.10 -27.61
N ALA A 175 -8.79 9.96 -27.71
CA ALA A 175 -8.12 9.78 -28.99
C ALA A 175 -8.55 8.49 -29.67
N VAL A 176 -8.64 8.50 -31.00
CA VAL A 176 -8.97 7.32 -31.78
C VAL A 176 -7.76 6.99 -32.65
N LEU A 177 -7.39 5.71 -32.71
CA LEU A 177 -6.34 5.26 -33.61
C LEU A 177 -6.89 5.11 -35.03
N GLN A 178 -6.41 5.93 -35.95
CA GLN A 178 -6.84 5.82 -37.34
C GLN A 178 -6.10 4.69 -38.03
N SER A 179 -6.58 4.32 -39.23
CA SER A 179 -5.97 3.21 -39.96
C SER A 179 -4.56 3.52 -40.44
N SER A 180 -4.18 4.79 -40.43
CA SER A 180 -2.81 5.23 -40.70
C SER A 180 -1.88 4.92 -39.55
N GLY A 181 -2.42 4.56 -38.39
CA GLY A 181 -1.59 4.42 -37.22
C GLY A 181 -1.42 5.72 -36.46
N LEU A 182 -2.16 6.76 -36.83
CA LEU A 182 -2.09 8.04 -36.14
C LEU A 182 -3.38 8.25 -35.36
N TYR A 183 -3.29 8.97 -34.25
CA TYR A 183 -4.43 9.29 -33.40
C TYR A 183 -5.12 10.60 -33.79
N SER A 184 -6.42 10.71 -33.49
CA SER A 184 -7.11 12.00 -33.53
C SER A 184 -8.17 12.11 -32.43
N LEU A 185 -8.36 13.31 -31.90
CA LEU A 185 -9.43 13.60 -30.94
C LEU A 185 -10.00 15.01 -31.19
N SER A 186 -11.14 15.29 -30.55
CA SER A 186 -11.82 16.59 -30.59
C SER A 186 -12.15 17.05 -29.17
N SER A 187 -12.06 18.37 -28.93
CA SER A 187 -12.48 19.01 -27.69
C SER A 187 -13.47 20.14 -27.95
N VAL A 188 -14.58 20.18 -27.18
CA VAL A 188 -15.62 21.19 -27.35
C VAL A 188 -15.96 21.88 -26.02
N VAL A 189 -16.53 23.09 -26.14
CA VAL A 189 -17.05 23.90 -25.03
C VAL A 189 -18.37 24.55 -25.45
N THR A 190 -19.35 24.60 -24.53
CA THR A 190 -20.58 25.36 -24.76
C THR A 190 -20.47 26.76 -24.14
N VAL A 191 -20.84 27.76 -24.94
CA VAL A 191 -20.75 29.20 -24.66
C VAL A 191 -21.98 29.90 -25.21
N PRO A 192 -22.27 31.16 -24.77
CA PRO A 192 -23.31 31.93 -25.49
C PRO A 192 -22.77 32.38 -26.84
N SER A 193 -23.38 33.35 -27.54
CA SER A 193 -22.66 33.67 -28.77
C SER A 193 -22.40 35.15 -29.02
N SER A 194 -23.34 36.05 -28.69
CA SER A 194 -23.03 37.46 -28.86
C SER A 194 -21.77 37.85 -28.09
N SER A 195 -21.54 37.21 -26.94
CA SER A 195 -20.39 37.51 -26.11
C SER A 195 -19.16 36.71 -26.56
N LEU A 196 -19.39 35.73 -27.44
CA LEU A 196 -18.33 34.86 -27.95
C LEU A 196 -17.29 35.68 -28.70
N GLY A 197 -17.76 36.68 -29.45
CA GLY A 197 -17.05 37.67 -30.26
C GLY A 197 -16.36 38.74 -29.46
N THR A 198 -16.67 38.84 -28.16
CA THR A 198 -16.12 39.83 -27.25
C THR A 198 -14.99 39.25 -26.41
N GLN A 199 -15.23 38.16 -25.67
CA GLN A 199 -14.19 37.71 -24.75
C GLN A 199 -13.12 36.86 -25.44
N THR A 200 -13.34 36.46 -26.71
CA THR A 200 -12.38 35.80 -27.60
C THR A 200 -11.98 34.41 -27.11
N TYR A 201 -11.79 33.47 -28.04
CA TYR A 201 -11.47 32.08 -27.71
C TYR A 201 -10.20 31.52 -28.34
N ILE A 202 -9.31 30.97 -27.50
CA ILE A 202 -8.07 30.38 -27.95
C ILE A 202 -7.92 29.03 -27.23
N CYS A 203 -7.64 27.97 -27.99
CA CYS A 203 -7.44 26.64 -27.44
C CYS A 203 -5.95 26.33 -27.35
N ASN A 204 -5.51 25.81 -26.19
CA ASN A 204 -4.09 25.59 -25.93
C ASN A 204 -3.82 24.09 -25.91
N VAL A 205 -3.04 23.62 -26.90
CA VAL A 205 -2.81 22.21 -27.19
C VAL A 205 -1.33 21.92 -26.99
N ASN A 206 -1.01 20.87 -26.25
CA ASN A 206 0.35 20.51 -25.90
C ASN A 206 0.59 19.04 -26.24
N HIS A 207 1.62 18.81 -27.07
CA HIS A 207 2.15 17.47 -27.38
C HIS A 207 3.61 17.47 -26.93
N LYS A 208 3.86 16.82 -25.79
CA LYS A 208 5.23 16.62 -25.29
C LYS A 208 6.18 15.83 -26.19
N PRO A 209 5.77 14.72 -26.84
CA PRO A 209 6.75 13.94 -27.62
C PRO A 209 7.35 14.66 -28.81
N SER A 210 6.80 15.81 -29.23
CA SER A 210 7.38 16.56 -30.33
C SER A 210 7.74 17.99 -29.92
N ASN A 211 7.50 18.36 -28.66
CA ASN A 211 7.72 19.72 -28.16
C ASN A 211 6.81 20.70 -28.89
N THR A 212 5.58 20.28 -29.18
CA THR A 212 4.66 21.11 -29.94
C THR A 212 3.64 21.75 -28.99
N LYS A 213 3.55 23.08 -29.02
CA LYS A 213 2.51 23.82 -28.32
C LYS A 213 1.82 24.72 -29.34
N VAL A 214 0.52 24.55 -29.53
CA VAL A 214 -0.24 25.35 -30.49
C VAL A 214 -1.43 25.96 -29.77
N ASP A 215 -1.60 27.27 -29.92
CA ASP A 215 -2.73 28.01 -29.37
C ASP A 215 -3.50 28.57 -30.56
N LYS A 216 -4.74 28.12 -30.72
CA LYS A 216 -5.50 28.36 -31.94
C LYS A 216 -6.78 29.13 -31.65
N LYS A 217 -6.87 30.32 -32.23
CA LYS A 217 -8.09 31.11 -32.21
C LYS A 217 -9.14 30.36 -33.01
N VAL A 218 -10.37 30.31 -32.49
CA VAL A 218 -11.48 29.67 -33.18
C VAL A 218 -12.54 30.69 -33.56
N GLU A 219 -12.69 30.85 -34.87
CA GLU A 219 -13.43 31.86 -35.59
C GLU A 219 -14.78 32.20 -34.97
N ASP B 1 -0.30 -14.15 -8.74
CA ASP B 1 -0.49 -15.54 -8.36
C ASP B 1 -1.69 -15.67 -7.42
N ILE B 2 -1.82 -14.67 -6.54
CA ILE B 2 -2.99 -14.53 -5.67
C ILE B 2 -3.98 -13.63 -6.39
N GLN B 3 -4.89 -14.25 -7.12
CA GLN B 3 -5.91 -13.51 -7.88
C GLN B 3 -6.98 -12.88 -6.99
N MET B 4 -7.28 -11.61 -7.23
CA MET B 4 -8.34 -10.88 -6.53
C MET B 4 -9.51 -10.65 -7.47
N THR B 5 -10.67 -11.25 -7.17
CA THR B 5 -11.85 -11.11 -8.02
C THR B 5 -12.88 -10.19 -7.35
N GLN B 6 -13.15 -9.04 -7.95
CA GLN B 6 -14.16 -8.09 -7.44
C GLN B 6 -15.47 -8.27 -8.19
N SER B 7 -16.58 -8.17 -7.46
CA SER B 7 -17.92 -8.28 -8.01
C SER B 7 -18.84 -7.23 -7.40
N PRO B 8 -19.83 -6.74 -8.16
CA PRO B 8 -19.93 -6.78 -9.63
C PRO B 8 -18.88 -5.96 -10.33
N ALA B 9 -18.60 -6.26 -11.60
CA ALA B 9 -17.68 -5.43 -12.37
C ALA B 9 -18.33 -4.11 -12.77
N ILE B 10 -19.60 -4.17 -13.17
CA ILE B 10 -20.34 -2.98 -13.57
C ILE B 10 -21.66 -2.91 -12.83
N LEU B 11 -22.00 -1.72 -12.34
CA LEU B 11 -23.17 -1.51 -11.52
C LEU B 11 -23.63 -0.08 -11.75
N SER B 12 -24.95 0.13 -11.67
CA SER B 12 -25.50 1.48 -11.62
C SER B 12 -26.46 1.57 -10.45
N ALA B 13 -26.63 2.80 -9.97
CA ALA B 13 -27.48 3.12 -8.84
C ALA B 13 -28.08 4.51 -8.99
N SER B 14 -29.34 4.65 -8.61
CA SER B 14 -29.91 5.97 -8.66
C SER B 14 -29.28 6.81 -7.54
N PRO B 15 -29.19 8.11 -7.73
CA PRO B 15 -28.73 9.01 -6.65
C PRO B 15 -29.41 8.77 -5.31
N GLY B 16 -28.60 8.78 -4.25
CA GLY B 16 -29.02 8.55 -2.88
C GLY B 16 -29.26 7.12 -2.46
N GLU B 17 -29.10 6.15 -3.35
CA GLU B 17 -29.28 4.76 -3.02
C GLU B 17 -28.06 4.20 -2.29
N LYS B 18 -28.28 3.19 -1.44
CA LYS B 18 -27.16 2.45 -0.86
C LYS B 18 -26.66 1.39 -1.86
N VAL B 19 -25.35 1.38 -2.07
CA VAL B 19 -24.66 0.40 -2.91
C VAL B 19 -23.62 -0.39 -2.10
N THR B 20 -23.32 -1.61 -2.56
CA THR B 20 -22.24 -2.40 -2.01
C THR B 20 -21.61 -3.22 -3.13
N MET B 21 -20.28 -3.36 -3.07
CA MET B 21 -19.47 -4.13 -4.01
C MET B 21 -18.44 -4.96 -3.25
N THR B 22 -18.15 -6.15 -3.77
CA THR B 22 -17.32 -7.14 -3.09
C THR B 22 -15.98 -7.31 -3.82
N CYS B 23 -14.98 -7.73 -3.05
CA CYS B 23 -13.66 -8.17 -3.51
C CYS B 23 -13.36 -9.51 -2.85
N TRP B 24 -13.01 -10.49 -3.69
CA TRP B 24 -12.74 -11.86 -3.26
C TRP B 24 -11.30 -12.24 -3.60
N ALA B 25 -10.62 -12.84 -2.64
CA ALA B 25 -9.24 -13.30 -2.77
C ALA B 25 -9.24 -14.81 -2.91
N SER B 26 -8.35 -15.34 -3.75
CA SER B 26 -8.19 -16.80 -3.82
C SER B 26 -7.68 -17.38 -2.50
N SER B 27 -6.82 -16.66 -1.79
CA SER B 27 -6.38 -17.01 -0.44
C SER B 27 -6.66 -15.86 0.52
N GLY B 28 -7.00 -16.23 1.75
CA GLY B 28 -7.25 -15.27 2.82
C GLY B 28 -6.15 -14.27 3.11
N VAL B 29 -6.56 -13.07 3.49
CA VAL B 29 -5.65 -11.97 3.75
C VAL B 29 -6.04 -11.37 5.10
N SER B 30 -5.09 -10.66 5.71
CA SER B 30 -5.38 -9.91 6.94
C SER B 30 -6.36 -8.74 6.75
N TYR B 31 -6.23 -7.95 5.69
CA TYR B 31 -7.07 -6.75 5.55
C TYR B 31 -7.23 -6.46 4.07
N MET B 32 -8.24 -5.67 3.68
CA MET B 32 -8.29 -5.17 2.31
C MET B 32 -8.30 -3.65 2.21
N HIS B 33 -7.58 -3.09 1.23
CA HIS B 33 -7.67 -1.65 0.99
C HIS B 33 -8.20 -1.45 -0.42
N TRP B 34 -8.82 -0.29 -0.63
CA TRP B 34 -9.53 0.09 -1.83
C TRP B 34 -9.09 1.48 -2.27
N TYR B 35 -8.91 1.64 -3.57
CA TYR B 35 -8.47 2.89 -4.16
C TYR B 35 -9.54 3.33 -5.15
N GLN B 36 -9.82 4.63 -5.19
CA GLN B 36 -10.73 5.20 -6.18
C GLN B 36 -9.96 5.86 -7.30
N GLN B 37 -10.32 5.51 -8.53
CA GLN B 37 -9.77 6.09 -9.73
C GLN B 37 -10.88 6.68 -10.58
N LYS B 38 -10.69 7.90 -11.00
CA LYS B 38 -11.80 8.40 -11.76
C LYS B 38 -11.26 8.57 -13.18
N PRO B 39 -12.07 8.20 -14.17
CA PRO B 39 -11.59 8.17 -15.56
C PRO B 39 -10.62 9.25 -15.98
N GLY B 40 -9.59 8.84 -16.72
CA GLY B 40 -8.54 9.71 -17.21
C GLY B 40 -7.69 10.49 -16.21
N SER B 41 -7.63 10.08 -14.95
CA SER B 41 -6.64 10.72 -14.09
C SER B 41 -6.05 9.73 -13.10
N SER B 42 -5.06 10.21 -12.34
CA SER B 42 -4.34 9.42 -11.36
C SER B 42 -5.28 8.79 -10.32
N PRO B 43 -5.07 7.51 -9.99
CA PRO B 43 -5.78 6.90 -8.85
C PRO B 43 -5.66 7.66 -7.54
N LYS B 44 -6.73 7.60 -6.75
CA LYS B 44 -6.79 8.19 -5.42
C LYS B 44 -6.99 7.10 -4.38
N PRO B 45 -6.18 7.07 -3.31
CA PRO B 45 -6.49 6.20 -2.18
C PRO B 45 -7.83 6.54 -1.53
N TRP B 46 -8.64 5.52 -1.24
CA TRP B 46 -9.98 5.84 -0.77
C TRP B 46 -10.30 5.22 0.59
N ILE B 47 -10.05 3.92 0.77
CA ILE B 47 -10.24 3.23 2.03
C ILE B 47 -9.04 2.31 2.24
N PHE B 48 -8.43 2.34 3.41
CA PHE B 48 -7.31 1.43 3.65
C PHE B 48 -7.48 0.69 4.96
N ALA B 49 -6.77 -0.43 5.07
CA ALA B 49 -6.87 -1.36 6.19
C ALA B 49 -8.31 -1.79 6.48
N THR B 50 -9.03 -2.14 5.41
CA THR B 50 -10.41 -2.65 5.41
C THR B 50 -11.48 -1.57 5.55
N SER B 51 -11.32 -0.66 6.49
CA SER B 51 -12.44 0.22 6.82
C SER B 51 -12.06 1.65 7.18
N ASN B 52 -10.78 2.01 7.14
CA ASN B 52 -10.40 3.38 7.47
C ASN B 52 -10.50 4.23 6.20
N LEU B 53 -11.34 5.25 6.26
CA LEU B 53 -11.39 6.24 5.20
C LEU B 53 -10.09 7.06 5.17
N ALA B 54 -9.56 7.26 3.98
CA ALA B 54 -8.54 8.30 3.80
C ALA B 54 -9.12 9.67 4.12
N SER B 55 -8.24 10.58 4.53
CA SER B 55 -8.65 11.94 4.86
C SER B 55 -9.28 12.62 3.67
N GLY B 56 -10.38 13.34 3.91
CA GLY B 56 -11.18 13.95 2.87
C GLY B 56 -12.31 13.09 2.34
N VAL B 57 -12.32 11.79 2.63
CA VAL B 57 -13.33 10.90 2.08
C VAL B 57 -14.60 11.03 2.93
N PRO B 58 -15.76 11.31 2.32
CA PRO B 58 -16.97 11.55 3.11
C PRO B 58 -17.48 10.29 3.79
N ALA B 59 -18.18 10.51 4.91
CA ALA B 59 -18.65 9.47 5.81
C ALA B 59 -19.72 8.57 5.21
N ARG B 60 -20.22 8.91 4.02
CA ARG B 60 -21.14 8.02 3.31
C ARG B 60 -20.44 6.77 2.77
N PHE B 61 -19.13 6.79 2.67
CA PHE B 61 -18.33 5.62 2.28
C PHE B 61 -18.01 4.77 3.50
N SER B 62 -18.08 3.45 3.34
CA SER B 62 -17.61 2.55 4.39
C SER B 62 -17.08 1.27 3.77
N GLY B 63 -16.16 0.61 4.48
CA GLY B 63 -15.72 -0.71 4.08
C GLY B 63 -15.87 -1.72 5.20
N SER B 64 -15.97 -2.99 4.80
CA SER B 64 -16.18 -4.10 5.74
C SER B 64 -15.59 -5.39 5.16
N GLY B 65 -15.65 -6.44 5.96
CA GLY B 65 -15.32 -7.80 5.51
C GLY B 65 -14.10 -8.37 6.21
N SER B 66 -13.84 -9.64 5.89
CA SER B 66 -12.77 -10.40 6.54
C SER B 66 -12.44 -11.63 5.71
N GLY B 67 -11.29 -12.23 6.03
CA GLY B 67 -10.86 -13.45 5.37
C GLY B 67 -10.54 -13.27 3.91
N THR B 68 -11.46 -13.77 3.08
CA THR B 68 -11.34 -13.70 1.63
C THR B 68 -12.28 -12.68 1.01
N SER B 69 -13.21 -12.11 1.79
CA SER B 69 -14.38 -11.44 1.25
C SER B 69 -14.55 -10.09 1.91
N TYR B 70 -14.48 -9.02 1.10
CA TYR B 70 -14.50 -7.67 1.62
C TYR B 70 -15.52 -6.87 0.81
N SER B 71 -15.99 -5.77 1.38
CA SER B 71 -17.04 -4.97 0.76
C SER B 71 -16.75 -3.47 0.90
N LEU B 72 -17.33 -2.73 -0.05
CA LEU B 72 -17.43 -1.28 -0.06
C LEU B 72 -18.89 -0.87 -0.22
N THR B 73 -19.34 0.04 0.66
CA THR B 73 -20.74 0.44 0.74
C THR B 73 -20.82 1.95 0.68
N ILE B 74 -21.83 2.45 -0.03
CA ILE B 74 -22.17 3.86 -0.09
C ILE B 74 -23.59 4.05 0.41
N SER B 75 -23.73 4.81 1.50
CA SER B 75 -25.03 5.07 2.08
C SER B 75 -25.86 6.01 1.21
N ARG B 76 -25.22 7.00 0.61
CA ARG B 76 -25.85 7.87 -0.38
C ARG B 76 -24.98 7.93 -1.63
N VAL B 77 -25.51 7.45 -2.75
CA VAL B 77 -24.86 7.61 -4.04
C VAL B 77 -24.75 9.09 -4.40
N GLU B 78 -23.56 9.51 -4.80
CA GLU B 78 -23.37 10.89 -5.21
C GLU B 78 -22.91 10.88 -6.67
N ALA B 79 -23.14 12.01 -7.36
CA ALA B 79 -22.71 12.15 -8.75
C ALA B 79 -21.19 12.02 -8.93
N GLU B 80 -20.41 12.54 -7.97
CA GLU B 80 -18.96 12.44 -8.03
C GLU B 80 -18.43 11.03 -7.79
N ASP B 81 -19.26 10.08 -7.42
CA ASP B 81 -18.80 8.73 -7.13
C ASP B 81 -18.80 7.80 -8.35
N ALA B 82 -19.20 8.27 -9.53
CA ALA B 82 -18.97 7.50 -10.73
C ALA B 82 -17.47 7.40 -10.99
N ALA B 83 -16.96 6.17 -11.17
CA ALA B 83 -15.53 5.90 -11.03
C ALA B 83 -15.24 4.41 -10.96
N THR B 84 -13.99 4.01 -11.13
CA THR B 84 -13.58 2.62 -10.93
C THR B 84 -12.85 2.44 -9.59
N TYR B 85 -13.25 1.40 -8.84
CA TYR B 85 -12.69 1.15 -7.51
C TYR B 85 -11.91 -0.16 -7.53
N TYR B 86 -10.64 -0.13 -7.09
CA TYR B 86 -9.74 -1.29 -7.15
C TYR B 86 -9.26 -1.78 -5.78
N CYS B 87 -9.39 -3.08 -5.51
CA CYS B 87 -8.75 -3.68 -4.36
C CYS B 87 -7.35 -4.25 -4.69
N GLN B 88 -6.49 -4.32 -3.66
CA GLN B 88 -5.10 -4.77 -3.73
C GLN B 88 -4.81 -5.36 -2.35
N GLN B 89 -4.12 -6.50 -2.26
CA GLN B 89 -3.78 -6.99 -0.93
C GLN B 89 -2.35 -7.30 -0.46
N TRP B 90 -2.13 -6.98 0.82
CA TRP B 90 -0.99 -7.31 1.68
C TRP B 90 -0.76 -8.84 1.71
N SER B 91 0.32 -9.26 2.39
CA SER B 91 0.67 -10.68 2.63
C SER B 91 0.71 -11.47 1.34
N PHE B 92 1.18 -10.83 0.28
CA PHE B 92 1.36 -11.48 -1.01
C PHE B 92 2.83 -11.68 -1.36
N ASN B 93 3.56 -10.58 -1.56
CA ASN B 93 4.98 -10.40 -1.91
C ASN B 93 5.00 -10.15 -3.42
N PRO B 94 4.47 -11.06 -4.27
CA PRO B 94 3.82 -10.58 -5.50
C PRO B 94 2.51 -9.88 -5.16
N LEU B 95 2.58 -8.59 -4.88
CA LEU B 95 1.37 -7.80 -4.67
C LEU B 95 0.54 -7.69 -5.95
N THR B 96 -0.78 -7.73 -5.80
CA THR B 96 -1.71 -7.96 -6.89
C THR B 96 -2.92 -7.06 -6.67
N PHE B 97 -3.53 -6.63 -7.77
CA PHE B 97 -4.74 -5.81 -7.72
C PHE B 97 -5.94 -6.56 -8.29
N GLY B 98 -7.14 -6.19 -7.82
CA GLY B 98 -8.35 -6.58 -8.52
C GLY B 98 -8.53 -5.81 -9.82
N ALA B 99 -9.53 -6.24 -10.60
CA ALA B 99 -9.78 -5.61 -11.90
C ALA B 99 -10.60 -4.32 -11.85
N GLY B 100 -11.12 -3.93 -10.69
CA GLY B 100 -11.85 -2.67 -10.64
C GLY B 100 -13.34 -2.82 -10.83
N THR B 101 -14.08 -1.87 -10.26
CA THR B 101 -15.53 -1.77 -10.40
C THR B 101 -15.90 -0.39 -10.92
N LYS B 102 -16.54 -0.33 -12.10
CA LYS B 102 -16.94 0.94 -12.69
C LYS B 102 -18.38 1.26 -12.29
N LEU B 103 -18.54 2.38 -11.58
CA LEU B 103 -19.79 2.80 -10.97
C LEU B 103 -20.33 3.97 -11.78
N GLU B 104 -21.47 3.75 -12.44
CA GLU B 104 -22.16 4.75 -13.24
C GLU B 104 -23.36 5.27 -12.46
N ILE B 105 -23.74 6.51 -12.76
CA ILE B 105 -24.92 7.13 -12.17
C ILE B 105 -26.10 6.91 -13.10
N LYS B 106 -27.15 6.25 -12.61
CA LYS B 106 -28.32 6.00 -13.45
C LYS B 106 -29.23 7.20 -13.22
N ARG B 107 -29.03 8.24 -14.03
CA ARG B 107 -29.81 9.47 -13.92
C ARG B 107 -31.03 9.43 -14.83
N THR B 108 -31.76 10.53 -14.87
CA THR B 108 -32.86 10.66 -15.81
C THR B 108 -32.38 10.72 -17.25
N VAL B 109 -33.26 10.27 -18.15
CA VAL B 109 -33.02 10.41 -19.58
C VAL B 109 -32.87 11.88 -19.92
N ALA B 110 -31.89 12.19 -20.78
CA ALA B 110 -31.70 13.54 -21.25
C ALA B 110 -31.36 13.47 -22.73
N ALA B 111 -31.99 14.33 -23.51
CA ALA B 111 -31.85 14.29 -24.95
C ALA B 111 -30.60 15.06 -25.35
N PRO B 112 -29.86 14.59 -26.36
CA PRO B 112 -28.64 15.29 -26.74
C PRO B 112 -28.95 16.60 -27.44
N SER B 113 -28.13 17.59 -27.15
CA SER B 113 -27.96 18.72 -28.04
C SER B 113 -27.01 18.31 -29.15
N VAL B 114 -27.31 18.73 -30.38
CA VAL B 114 -26.61 18.24 -31.56
C VAL B 114 -26.09 19.42 -32.32
N PHE B 115 -24.82 19.36 -32.69
CA PHE B 115 -24.13 20.47 -33.37
C PHE B 115 -23.32 19.85 -34.48
N ILE B 116 -23.22 20.52 -35.62
CA ILE B 116 -22.40 20.02 -36.71
C ILE B 116 -21.35 21.07 -37.09
N PHE B 117 -20.14 20.60 -37.35
CA PHE B 117 -19.04 21.47 -37.74
C PHE B 117 -18.51 21.03 -39.09
N PRO B 118 -18.51 21.92 -40.09
CA PRO B 118 -17.78 21.65 -41.32
C PRO B 118 -16.28 21.68 -41.06
N PRO B 119 -15.48 21.04 -41.93
CA PRO B 119 -14.03 21.24 -41.87
C PRO B 119 -13.64 22.71 -41.99
N SER B 120 -12.61 23.08 -41.25
CA SER B 120 -11.95 24.37 -41.37
C SER B 120 -11.23 24.47 -42.72
N ASP B 121 -11.07 25.70 -43.20
CA ASP B 121 -10.38 25.92 -44.47
C ASP B 121 -8.96 25.36 -44.44
N GLU B 122 -8.29 25.47 -43.29
CA GLU B 122 -6.97 24.85 -43.16
C GLU B 122 -7.02 23.33 -43.31
N GLN B 123 -8.10 22.68 -42.84
CA GLN B 123 -8.27 21.26 -43.18
C GLN B 123 -8.53 21.05 -44.66
N LEU B 124 -9.35 21.90 -45.28
CA LEU B 124 -9.63 21.72 -46.70
C LEU B 124 -8.36 21.88 -47.53
N LYS B 125 -7.50 22.82 -47.16
CA LYS B 125 -6.18 23.08 -47.73
C LYS B 125 -5.16 21.97 -47.47
N SER B 126 -5.41 21.06 -46.54
CA SER B 126 -4.47 19.97 -46.44
C SER B 126 -4.83 18.90 -47.47
N GLY B 127 -3.97 17.89 -47.61
CA GLY B 127 -4.39 16.80 -48.47
C GLY B 127 -5.53 15.94 -47.98
N THR B 128 -6.15 16.25 -46.85
CA THR B 128 -7.08 15.33 -46.20
C THR B 128 -8.27 16.15 -45.71
N ALA B 129 -9.47 15.56 -45.77
CA ALA B 129 -10.64 16.25 -45.23
C ALA B 129 -11.36 15.37 -44.21
N VAL B 131 -15.72 16.51 -41.16
CA VAL B 131 -17.00 17.01 -40.68
C VAL B 131 -17.36 16.30 -39.39
N VAL B 132 -17.75 17.04 -38.37
CA VAL B 132 -17.92 16.49 -37.03
C VAL B 132 -19.36 16.71 -36.56
N CYS B 133 -20.00 15.64 -36.10
CA CYS B 133 -21.31 15.76 -35.45
C CYS B 133 -21.09 15.51 -33.96
N LEU B 134 -21.51 16.48 -33.14
CA LEU B 134 -21.41 16.44 -31.69
C LEU B 134 -22.78 16.29 -31.03
N LEU B 135 -22.87 15.35 -30.09
CA LEU B 135 -24.01 15.19 -29.20
C LEU B 135 -23.53 15.50 -27.79
N ASN B 136 -24.11 16.52 -27.16
CA ASN B 136 -23.60 17.02 -25.90
C ASN B 136 -24.62 16.85 -24.78
N ASN B 137 -24.14 16.36 -23.64
CA ASN B 137 -24.88 16.31 -22.38
C ASN B 137 -26.19 15.54 -22.48
N PHE B 138 -26.07 14.25 -22.80
CA PHE B 138 -27.23 13.39 -22.99
C PHE B 138 -27.11 12.17 -22.09
N TYR B 139 -28.25 11.48 -21.91
CA TYR B 139 -28.29 10.22 -21.21
C TYR B 139 -29.50 9.44 -21.73
N PRO B 140 -29.40 8.12 -21.87
CA PRO B 140 -28.26 7.24 -21.59
C PRO B 140 -27.15 7.29 -22.65
N ARG B 141 -26.13 6.46 -22.38
CA ARG B 141 -24.96 6.38 -23.25
C ARG B 141 -25.30 5.91 -24.66
N GLU B 142 -26.24 4.98 -24.79
CA GLU B 142 -26.62 4.44 -26.09
C GLU B 142 -27.22 5.48 -27.04
N ALA B 143 -26.56 5.71 -28.17
CA ALA B 143 -27.04 6.64 -29.18
C ALA B 143 -26.66 6.09 -30.55
N LYS B 144 -27.40 6.49 -31.58
CA LYS B 144 -27.11 6.08 -32.95
C LYS B 144 -26.91 7.31 -33.84
N VAL B 145 -25.69 7.50 -34.36
CA VAL B 145 -25.39 8.58 -35.29
C VAL B 145 -25.15 7.96 -36.67
N GLN B 146 -25.93 8.41 -37.65
CA GLN B 146 -25.86 7.95 -39.03
C GLN B 146 -25.57 9.13 -39.95
N TRP B 147 -24.58 8.99 -40.82
CA TRP B 147 -24.27 10.04 -41.79
C TRP B 147 -24.97 9.88 -43.14
N VAL B 149 -25.36 11.63 -46.43
CA VAL B 149 -24.71 12.55 -47.35
C VAL B 149 -25.44 12.56 -48.68
N ASP B 150 -26.02 13.70 -49.05
CA ASP B 150 -26.90 13.76 -50.22
C ASP B 150 -27.95 12.65 -50.15
N ASN B 151 -28.55 12.54 -48.96
CA ASN B 151 -29.56 11.55 -48.58
C ASN B 151 -29.00 10.14 -48.57
N ALA B 152 -27.68 9.98 -48.70
CA ALA B 152 -27.02 8.69 -48.70
C ALA B 152 -26.34 8.46 -47.35
N LEU B 153 -25.48 7.45 -47.28
CA LEU B 153 -24.67 7.17 -46.11
C LEU B 153 -23.63 6.10 -46.43
N GLN B 154 -22.37 6.34 -46.06
CA GLN B 154 -21.35 5.33 -46.25
C GLN B 154 -21.14 4.55 -44.96
N SER B 155 -20.73 3.28 -45.11
CA SER B 155 -20.51 2.40 -43.97
C SER B 155 -19.09 2.52 -43.45
N GLY B 156 -18.10 2.27 -44.30
CA GLY B 156 -16.72 2.60 -44.00
C GLY B 156 -16.55 4.03 -43.51
N ASN B 157 -15.49 4.24 -42.72
CA ASN B 157 -15.21 5.48 -41.99
C ASN B 157 -16.20 5.68 -40.85
N SER B 158 -16.53 6.94 -40.55
CA SER B 158 -17.45 7.32 -39.49
C SER B 158 -16.90 6.82 -38.15
N GLN B 159 -15.83 7.49 -37.70
CA GLN B 159 -15.25 7.13 -36.41
C GLN B 159 -16.01 7.78 -35.27
N GLU B 160 -16.25 7.01 -34.20
CA GLU B 160 -17.01 7.48 -33.05
C GLU B 160 -16.10 7.62 -31.83
N SER B 161 -16.37 8.64 -31.02
CA SER B 161 -15.68 8.83 -29.74
C SER B 161 -16.66 9.34 -28.69
N VAL B 162 -16.60 8.81 -27.48
CA VAL B 162 -17.60 9.11 -26.46
C VAL B 162 -16.87 9.63 -25.23
N THR B 163 -17.37 10.72 -24.64
CA THR B 163 -16.92 11.15 -23.33
C THR B 163 -17.25 10.09 -22.28
N GLU B 164 -16.48 10.07 -21.20
CA GLU B 164 -16.95 9.48 -19.95
C GLU B 164 -18.12 10.26 -19.37
N GLN B 165 -18.83 9.60 -18.46
CA GLN B 165 -19.90 10.24 -17.71
C GLN B 165 -19.37 11.49 -16.99
N ASP B 166 -20.06 12.61 -17.15
CA ASP B 166 -19.69 13.83 -16.45
C ASP B 166 -19.72 13.64 -14.95
N SER B 167 -18.75 14.28 -14.27
CA SER B 167 -18.67 14.22 -12.82
C SER B 167 -19.87 14.89 -12.15
N LYS B 168 -20.33 16.01 -12.71
CA LYS B 168 -21.40 16.78 -12.09
C LYS B 168 -22.80 16.33 -12.51
N ASP B 169 -23.07 16.21 -13.81
CA ASP B 169 -24.44 15.99 -14.27
C ASP B 169 -24.66 14.57 -14.77
N SER B 170 -23.60 13.76 -14.84
CA SER B 170 -23.67 12.36 -15.25
C SER B 170 -24.20 12.18 -16.67
N THR B 171 -23.94 13.14 -17.55
CA THR B 171 -24.30 12.95 -18.94
C THR B 171 -23.10 12.43 -19.74
N TYR B 172 -23.38 12.05 -20.99
CA TYR B 172 -22.36 11.66 -21.95
C TYR B 172 -22.33 12.63 -23.12
N SER B 173 -21.19 12.69 -23.80
CA SER B 173 -21.08 13.39 -25.07
C SER B 173 -20.41 12.47 -26.09
N LEU B 174 -20.72 12.68 -27.37
CA LEU B 174 -20.22 11.80 -28.43
C LEU B 174 -19.88 12.69 -29.62
N SER B 175 -18.74 12.42 -30.23
CA SER B 175 -18.33 13.00 -31.49
C SER B 175 -18.22 11.93 -32.55
N SER B 176 -18.70 12.23 -33.75
CA SER B 176 -18.48 11.36 -34.90
C SER B 176 -17.79 12.18 -35.97
N THR B 177 -16.72 11.61 -36.53
CA THR B 177 -15.87 12.29 -37.51
C THR B 177 -15.80 11.52 -38.81
N LEU B 178 -16.23 12.17 -39.90
CA LEU B 178 -16.11 11.62 -41.25
C LEU B 178 -14.87 12.24 -41.89
N THR B 179 -13.87 11.43 -42.18
CA THR B 179 -12.58 11.88 -42.67
C THR B 179 -12.35 11.26 -44.04
N LEU B 180 -11.13 11.42 -44.56
CA LEU B 180 -10.68 10.77 -45.80
C LEU B 180 -11.60 11.05 -46.99
N SER B 181 -11.89 12.32 -47.24
CA SER B 181 -12.65 12.70 -48.43
C SER B 181 -12.10 14.02 -48.98
N LYS B 182 -11.04 13.91 -49.80
CA LYS B 182 -10.47 15.04 -50.52
C LYS B 182 -11.52 15.66 -51.43
N ALA B 183 -11.34 15.52 -52.75
CA ALA B 183 -12.32 16.02 -53.71
C ALA B 183 -13.67 15.34 -53.56
N ASP B 184 -13.73 14.29 -52.73
CA ASP B 184 -14.99 13.66 -52.39
C ASP B 184 -15.89 14.61 -51.60
N TYR B 185 -15.32 15.37 -50.68
CA TYR B 185 -16.13 16.35 -49.97
C TYR B 185 -16.76 17.30 -50.99
N GLU B 186 -15.98 17.68 -52.00
CA GLU B 186 -16.39 18.58 -53.04
C GLU B 186 -17.32 17.92 -54.05
N LYS B 187 -17.49 16.60 -53.99
CA LYS B 187 -18.38 15.95 -54.94
C LYS B 187 -19.83 15.93 -54.47
N HIS B 188 -20.11 16.41 -53.25
CA HIS B 188 -21.44 16.48 -52.70
C HIS B 188 -21.62 17.87 -52.10
N LYS B 189 -22.87 18.26 -51.87
CA LYS B 189 -23.18 19.65 -51.51
C LYS B 189 -23.71 19.80 -50.09
N VAL B 190 -24.61 18.91 -49.68
CA VAL B 190 -25.33 19.03 -48.41
C VAL B 190 -24.88 17.88 -47.53
N TYR B 191 -24.47 18.20 -46.31
CA TYR B 191 -24.01 17.21 -45.35
C TYR B 191 -24.85 17.25 -44.09
N ALA B 192 -25.26 16.06 -43.63
CA ALA B 192 -26.17 15.91 -42.51
C ALA B 192 -25.79 14.69 -41.69
N CYS B 193 -26.02 14.81 -40.39
CA CYS B 193 -25.98 13.70 -39.46
C CYS B 193 -27.37 13.51 -38.87
N GLU B 194 -27.77 12.25 -38.74
CA GLU B 194 -29.06 11.84 -38.23
C GLU B 194 -28.81 11.12 -36.92
N VAL B 195 -29.48 11.59 -35.87
CA VAL B 195 -29.28 11.12 -34.50
C VAL B 195 -30.56 10.47 -34.04
N THR B 196 -30.46 9.20 -33.64
CA THR B 196 -31.53 8.47 -32.99
C THR B 196 -31.13 8.18 -31.56
N HIS B 197 -32.04 8.47 -30.63
CA HIS B 197 -31.78 8.31 -29.21
C HIS B 197 -33.15 8.14 -28.56
N GLN B 198 -33.19 7.40 -27.46
CA GLN B 198 -34.47 7.13 -26.81
C GLN B 198 -35.05 8.36 -26.11
N GLY B 199 -34.24 9.40 -25.94
CA GLY B 199 -34.58 10.74 -25.49
C GLY B 199 -35.20 11.66 -26.53
N LEU B 200 -35.39 11.21 -27.77
CA LEU B 200 -35.92 12.05 -28.82
C LEU B 200 -37.25 11.53 -29.35
N SER B 201 -38.21 12.45 -29.53
CA SER B 201 -39.52 12.10 -30.06
C SER B 201 -39.40 11.51 -31.47
N SER B 202 -38.74 12.21 -32.37
CA SER B 202 -38.46 11.72 -33.71
C SER B 202 -36.97 11.81 -33.94
N PRO B 203 -36.41 10.98 -34.82
CA PRO B 203 -35.02 11.16 -35.25
C PRO B 203 -34.71 12.61 -35.60
N VAL B 204 -33.57 13.11 -35.12
CA VAL B 204 -33.19 14.51 -35.32
C VAL B 204 -32.06 14.58 -36.34
N THR B 205 -32.22 15.43 -37.34
CA THR B 205 -31.21 15.56 -38.39
C THR B 205 -30.66 16.98 -38.36
N LYS B 206 -29.34 17.12 -38.41
CA LYS B 206 -28.71 18.43 -38.54
C LYS B 206 -27.80 18.43 -39.75
N SER B 207 -27.83 19.53 -40.48
CA SER B 207 -27.22 19.57 -41.79
C SER B 207 -26.78 20.98 -42.14
N PHE B 208 -25.94 21.05 -43.16
CA PHE B 208 -25.52 22.31 -43.73
C PHE B 208 -25.32 22.15 -45.22
N ASN B 209 -25.27 23.29 -45.90
CA ASN B 209 -25.04 23.40 -47.33
C ASN B 209 -23.70 24.03 -47.63
N ARG B 210 -22.89 23.35 -48.46
CA ARG B 210 -21.67 23.83 -49.16
C ARG B 210 -20.63 22.72 -49.24
N MET C 4 2.68 -18.59 -1.06
CA MET C 4 4.03 -19.12 -0.95
C MET C 4 4.92 -18.14 -0.20
N GLU C 5 4.45 -16.91 -0.08
CA GLU C 5 5.24 -15.82 0.47
C GLU C 5 4.37 -15.01 1.43
N ILE C 6 5.01 -14.41 2.43
CA ILE C 6 4.31 -13.71 3.50
C ILE C 6 4.98 -12.38 3.79
N ILE C 7 4.18 -11.33 3.89
CA ILE C 7 4.65 -9.97 4.17
C ILE C 7 4.23 -9.69 5.61
N LEU C 8 5.13 -9.08 6.38
CA LEU C 8 4.86 -8.89 7.79
C LEU C 8 4.56 -7.43 8.09
N THR C 9 3.55 -7.20 8.92
CA THR C 9 3.15 -5.87 9.34
C THR C 9 4.13 -5.34 10.39
N LEU C 10 3.89 -4.11 10.87
CA LEU C 10 4.80 -3.52 11.84
C LEU C 10 4.79 -4.32 13.12
N SER C 11 3.60 -4.61 13.64
CA SER C 11 3.49 -5.35 14.89
C SER C 11 4.02 -6.77 14.75
N GLN C 12 3.69 -7.43 13.64
CA GLN C 12 4.14 -8.81 13.43
C GLN C 12 5.66 -8.88 13.34
N GLY C 13 6.26 -7.98 12.57
CA GLY C 13 7.71 -7.96 12.49
C GLY C 13 8.38 -7.64 13.81
N LEU C 14 7.84 -6.67 14.55
CA LEU C 14 8.40 -6.38 15.87
C LEU C 14 8.29 -7.58 16.80
N LYS C 15 7.18 -8.31 16.78
CA LYS C 15 7.06 -9.46 17.66
C LYS C 15 8.02 -10.57 17.25
N LYS C 16 8.22 -10.79 15.95
CA LYS C 16 9.22 -11.80 15.57
C LYS C 16 10.63 -11.34 15.93
N TYR C 17 10.92 -10.05 15.75
CA TYR C 17 12.19 -9.49 16.20
C TYR C 17 12.39 -9.79 17.69
N TYR C 18 11.35 -9.55 18.49
CA TYR C 18 11.44 -9.82 19.91
C TYR C 18 11.61 -11.32 20.18
N GLY C 19 10.95 -12.16 19.38
CA GLY C 19 11.08 -13.60 19.54
C GLY C 19 12.50 -14.08 19.26
N LYS C 20 13.13 -13.54 18.22
CA LYS C 20 14.51 -13.90 17.92
C LYS C 20 15.44 -13.42 19.01
N ILE C 21 15.19 -12.21 19.53
CA ILE C 21 15.98 -11.69 20.64
C ILE C 21 15.82 -12.59 21.87
N LEU C 22 14.61 -13.10 22.08
CA LEU C 22 14.35 -13.97 23.21
C LEU C 22 15.04 -15.31 23.04
N LYS C 23 15.10 -15.81 21.79
CA LYS C 23 15.81 -17.06 21.56
C LYS C 23 17.30 -16.89 21.79
N LEU C 24 17.86 -15.73 21.41
CA LEU C 24 19.26 -15.46 21.70
C LEU C 24 19.51 -15.30 23.18
N LEU C 25 18.52 -14.82 23.93
CA LEU C 25 18.65 -14.74 25.39
C LEU C 25 18.52 -16.11 26.06
N HIS C 26 18.29 -17.17 25.29
CA HIS C 26 18.08 -18.53 25.81
C HIS C 26 16.90 -18.61 26.77
N LEU C 27 15.88 -17.78 26.55
CA LEU C 27 14.63 -17.80 27.31
C LEU C 27 13.55 -18.67 26.69
N THR C 28 13.54 -18.81 25.37
CA THR C 28 12.58 -19.66 24.68
C THR C 28 13.33 -20.74 23.91
N LEU C 29 12.64 -21.84 23.65
CA LEU C 29 13.21 -22.95 22.90
C LEU C 29 12.82 -22.89 21.41
N GLU C 30 11.87 -22.04 21.07
CA GLU C 30 11.34 -21.84 19.73
C GLU C 30 11.26 -20.36 19.42
N GLU C 31 11.14 -20.08 18.12
CA GLU C 31 11.06 -18.74 17.58
C GLU C 31 10.27 -18.87 16.29
N ASP C 32 9.87 -17.72 15.76
CA ASP C 32 9.21 -17.65 14.46
C ASP C 32 9.83 -16.48 13.73
N THR C 33 10.65 -16.79 12.73
CA THR C 33 11.43 -15.79 12.03
C THR C 33 11.16 -15.87 10.52
N GLU C 34 9.90 -15.71 10.12
CA GLU C 34 9.60 -15.78 8.70
C GLU C 34 9.07 -14.42 8.31
N GLY C 35 9.75 -13.80 7.36
CA GLY C 35 9.43 -12.49 6.87
C GLY C 35 10.21 -11.42 7.60
N LEU C 36 11.17 -11.83 8.45
CA LEU C 36 11.90 -10.86 9.25
C LEU C 36 13.00 -10.19 8.48
N LEU C 37 13.54 -10.87 7.45
CA LEU C 37 14.63 -10.27 6.70
C LEU C 37 14.11 -9.06 5.94
N GLU C 38 12.94 -9.25 5.29
CA GLU C 38 12.31 -8.19 4.54
C GLU C 38 11.70 -7.16 5.47
N TRP C 39 11.20 -7.60 6.63
CA TRP C 39 10.68 -6.63 7.60
C TRP C 39 11.80 -5.71 8.06
N CYS C 40 13.00 -6.26 8.21
CA CYS C 40 14.15 -5.45 8.58
C CYS C 40 14.54 -4.53 7.44
N LYS C 41 14.73 -5.09 6.25
CA LYS C 41 15.14 -4.30 5.09
C LYS C 41 14.07 -3.30 4.66
N ARG C 42 12.84 -3.43 5.15
CA ARG C 42 11.72 -2.54 4.84
C ARG C 42 11.50 -1.46 5.89
N ASN C 43 11.71 -1.76 7.17
CA ASN C 43 11.54 -0.76 8.21
C ASN C 43 12.84 -0.23 8.77
N LEU C 44 13.73 -1.13 9.20
CA LEU C 44 15.02 -0.79 9.78
C LEU C 44 16.02 -0.33 8.72
N GLY C 45 15.99 -0.95 7.54
CA GLY C 45 16.92 -0.65 6.47
C GLY C 45 18.23 -1.40 6.50
N SER C 46 18.44 -2.31 7.46
CA SER C 46 19.68 -3.06 7.54
C SER C 46 19.39 -4.57 7.58
N ASN C 47 20.43 -5.35 7.32
CA ASN C 47 20.33 -6.81 7.37
C ASN C 47 20.17 -7.27 8.81
N CYS C 48 19.40 -8.36 8.98
CA CYS C 48 19.14 -8.92 10.30
C CYS C 48 19.75 -10.29 10.52
N ASP C 49 21.08 -10.38 10.44
CA ASP C 49 21.80 -11.62 10.70
C ASP C 49 22.11 -11.73 12.20
N ASP C 50 22.74 -12.84 12.57
CA ASP C 50 23.06 -13.12 13.97
C ASP C 50 24.04 -12.08 14.55
N ASP C 51 24.88 -11.48 13.72
CA ASP C 51 25.82 -10.46 14.21
C ASP C 51 25.06 -9.22 14.67
N PHE C 52 24.10 -8.76 13.87
CA PHE C 52 23.26 -7.61 14.25
C PHE C 52 22.59 -7.79 15.59
N PHE C 53 21.93 -8.94 15.79
CA PHE C 53 21.24 -9.19 17.04
C PHE C 53 22.23 -9.24 18.20
N GLN C 54 23.32 -9.98 18.03
CA GLN C 54 24.33 -10.06 19.09
C GLN C 54 24.79 -8.67 19.50
N LYS C 55 25.03 -7.80 18.52
CA LYS C 55 25.44 -6.43 18.83
C LYS C 55 24.32 -5.66 19.54
N ARG C 56 23.06 -5.86 19.15
CA ARG C 56 21.97 -5.17 19.82
C ARG C 56 21.85 -5.61 21.28
N ILE C 57 21.94 -6.92 21.52
CA ILE C 57 21.94 -7.44 22.89
C ILE C 57 23.08 -6.84 23.68
N GLU C 58 24.28 -6.81 23.06
CA GLU C 58 25.44 -6.25 23.73
C GLU C 58 25.17 -4.80 24.12
N GLU C 59 24.75 -3.99 23.15
CA GLU C 59 24.49 -2.58 23.40
C GLU C 59 23.38 -2.31 24.41
N PHE C 60 22.36 -3.18 24.48
CA PHE C 60 21.30 -2.91 25.44
C PHE C 60 21.73 -3.27 26.86
N PHE C 61 22.25 -4.48 27.04
CA PHE C 61 22.56 -5.00 28.37
C PHE C 61 23.91 -4.52 28.89
N ILE C 62 24.80 -4.07 27.99
CA ILE C 62 26.09 -3.47 28.34
C ILE C 62 26.27 -2.32 27.36
N THR C 63 27.21 -1.43 27.67
CA THR C 63 27.49 -0.25 26.85
C THR C 63 26.22 0.56 26.62
N GLY C 64 25.29 0.48 27.56
CA GLY C 64 24.03 1.20 27.52
C GLY C 64 24.20 2.68 27.78
N GLU C 65 24.20 3.55 26.76
CA GLU C 65 24.48 4.96 27.03
C GLU C 65 23.63 5.90 26.18
N GLY C 66 22.48 6.23 26.75
CA GLY C 66 21.54 7.28 26.45
C GLY C 66 20.12 6.83 26.19
N TYR C 67 19.51 7.32 25.12
CA TYR C 67 18.11 6.99 24.87
C TYR C 67 18.02 5.77 23.96
N PHE C 68 16.82 5.19 23.84
CA PHE C 68 16.67 4.02 22.98
C PHE C 68 15.25 3.86 22.47
N ASN C 69 15.14 3.40 21.22
CA ASN C 69 13.88 3.11 20.56
C ASN C 69 13.42 1.69 20.88
N GLU C 70 12.20 1.36 20.44
CA GLU C 70 11.65 0.03 20.68
C GLU C 70 12.46 -1.08 20.01
N VAL C 71 13.29 -0.77 19.02
CA VAL C 71 14.10 -1.77 18.33
C VAL C 71 15.45 -2.02 19.01
N LEU C 72 15.66 -1.40 20.18
CA LEU C 72 16.87 -1.57 21.01
C LEU C 72 18.11 -0.92 20.40
N GLN C 73 17.94 0.16 19.64
CA GLN C 73 19.05 0.93 19.08
C GLN C 73 19.21 2.19 19.92
N PHE C 74 20.44 2.51 20.34
CA PHE C 74 20.50 3.75 21.11
C PHE C 74 21.03 4.90 20.26
N LYS C 75 20.83 6.12 20.79
CA LYS C 75 21.37 7.34 20.20
C LYS C 75 21.35 8.39 21.31
N THR C 76 22.46 9.09 21.52
CA THR C 76 22.54 10.16 22.53
C THR C 76 21.21 10.88 22.84
N PRO C 95 7.58 5.76 11.97
CA PRO C 95 8.31 4.49 12.07
C PRO C 95 8.93 4.27 13.45
N PHE C 96 10.26 4.23 13.50
CA PHE C 96 10.98 4.03 14.75
C PHE C 96 11.86 5.20 15.14
N LYS C 97 11.28 6.40 15.28
CA LYS C 97 12.11 7.53 15.63
C LYS C 97 11.67 8.09 16.97
N SER C 98 10.96 7.25 17.73
CA SER C 98 10.45 7.57 19.07
C SER C 98 11.40 7.00 20.11
N TYR C 99 12.50 7.68 20.38
CA TYR C 99 13.37 7.23 21.45
C TYR C 99 12.84 7.70 22.81
N PHE C 100 12.67 6.76 23.73
CA PHE C 100 12.25 7.01 25.10
C PHE C 100 13.45 7.06 26.05
N ALA C 101 13.25 7.71 27.20
CA ALA C 101 14.27 7.89 28.22
C ALA C 101 14.89 6.59 28.68
N LYS C 102 14.37 5.99 29.75
CA LYS C 102 14.83 4.68 30.19
C LYS C 102 13.80 4.08 31.15
N GLY C 103 14.18 2.93 31.70
CA GLY C 103 13.46 2.16 32.71
C GLY C 103 13.27 0.71 32.32
N PHE C 104 12.42 0.40 31.35
CA PHE C 104 12.24 -1.00 30.99
C PHE C 104 11.79 -1.10 29.53
N LEU C 105 11.79 -2.33 29.03
CA LEU C 105 11.32 -2.68 27.70
C LEU C 105 10.41 -3.90 27.79
N SER C 106 9.28 -3.89 27.09
CA SER C 106 8.37 -5.03 27.12
C SER C 106 8.67 -5.86 25.87
N ILE C 107 9.51 -6.89 26.03
CA ILE C 107 9.83 -7.78 24.91
C ILE C 107 8.74 -8.84 24.82
N ASP C 108 7.80 -8.65 23.89
CA ASP C 108 6.67 -9.55 23.71
C ASP C 108 6.66 -10.05 22.27
N SER C 109 6.72 -11.38 22.10
CA SER C 109 6.70 -11.99 20.78
C SER C 109 5.32 -12.48 20.39
N GLY C 110 4.39 -12.50 21.35
CA GLY C 110 3.05 -13.03 21.13
C GLY C 110 2.88 -14.35 21.85
N TYR C 111 3.96 -15.13 21.87
CA TYR C 111 4.01 -16.40 22.60
C TYR C 111 4.70 -16.32 23.95
N PHE C 112 5.53 -15.30 24.18
CA PHE C 112 6.26 -15.20 25.44
C PHE C 112 6.68 -13.75 25.65
N SER C 113 6.34 -13.20 26.81
CA SER C 113 6.62 -11.82 27.15
C SER C 113 7.74 -11.77 28.20
N ALA C 114 8.49 -10.67 28.21
CA ALA C 114 9.58 -10.46 29.16
C ALA C 114 9.80 -8.98 29.43
N LYS C 115 9.92 -8.62 30.71
CA LYS C 115 10.19 -7.25 31.15
C LYS C 115 11.69 -7.09 31.42
N CYS C 116 12.40 -6.52 30.45
CA CYS C 116 13.85 -6.36 30.48
C CYS C 116 14.26 -4.94 30.85
N TYR C 117 15.30 -4.86 31.71
CA TYR C 117 15.93 -3.70 32.31
C TYR C 117 17.25 -3.39 31.62
N PRO C 118 17.47 -2.15 31.23
CA PRO C 118 18.71 -1.77 30.56
C PRO C 118 19.81 -1.67 31.60
N ARG C 119 21.05 -1.63 31.12
CA ARG C 119 22.17 -1.47 32.03
C ARG C 119 22.10 -0.20 32.87
N SER C 120 22.42 -0.39 34.15
CA SER C 120 22.62 0.63 35.14
C SER C 120 24.06 0.48 35.63
N SER C 121 24.64 1.59 36.09
CA SER C 121 25.96 1.65 36.72
C SER C 121 26.37 0.43 37.55
N THR C 122 25.42 -0.42 37.93
CA THR C 122 25.72 -1.52 38.82
C THR C 122 25.55 -2.90 38.19
N SER C 123 24.80 -3.01 37.09
CA SER C 123 24.65 -4.25 36.35
C SER C 123 25.96 -5.04 36.23
N GLY C 124 27.10 -4.34 36.14
CA GLY C 124 28.38 -5.01 36.00
C GLY C 124 28.67 -6.07 37.06
N LEU C 125 28.51 -5.71 38.34
CA LEU C 125 28.85 -6.65 39.40
C LEU C 125 27.70 -7.56 39.77
N GLN C 126 26.48 -7.23 39.36
CA GLN C 126 25.38 -8.18 39.44
C GLN C 126 25.68 -9.43 38.64
N LEU C 127 26.50 -9.28 37.59
CA LEU C 127 26.73 -10.25 36.53
C LEU C 127 27.97 -11.11 36.76
N ILE C 128 27.76 -12.43 36.81
CA ILE C 128 28.79 -13.43 37.06
C ILE C 128 29.25 -13.78 35.64
N ASN C 129 30.38 -14.46 35.49
CA ASN C 129 30.82 -14.80 34.14
C ASN C 129 30.37 -16.19 33.68
N VAL C 130 30.91 -17.31 34.18
CA VAL C 130 30.44 -18.65 33.81
C VAL C 130 31.01 -19.24 32.51
N THR C 131 31.57 -18.41 31.61
CA THR C 131 32.09 -18.95 30.34
C THR C 131 32.88 -20.24 30.52
N GLN C 132 33.53 -20.39 31.68
CA GLN C 132 34.17 -21.63 32.12
C GLN C 132 33.64 -21.94 33.53
N HIS C 133 32.63 -22.82 33.57
CA HIS C 133 32.05 -23.32 34.81
C HIS C 133 33.14 -23.87 35.71
N PRO C 134 32.92 -23.96 37.02
CA PRO C 134 33.96 -24.56 37.83
C PRO C 134 33.85 -26.07 37.82
N ALA C 135 34.55 -26.72 38.73
CA ALA C 135 34.44 -28.15 38.91
C ALA C 135 33.12 -28.59 39.51
N ARG C 136 32.76 -29.83 39.21
CA ARG C 136 31.60 -30.46 39.82
C ARG C 136 31.96 -30.60 41.29
N ILE C 137 31.07 -30.29 42.15
CA ILE C 137 31.45 -30.22 43.54
C ILE C 137 31.13 -31.60 44.04
N ALA C 138 31.83 -32.07 45.06
CA ALA C 138 31.57 -33.45 45.39
C ALA C 138 30.14 -33.68 45.87
N GLU C 139 29.80 -34.95 45.93
CA GLU C 139 28.45 -35.40 46.17
C GLU C 139 28.30 -35.93 47.59
N THR C 140 27.14 -35.69 48.18
CA THR C 140 26.87 -36.20 49.51
C THR C 140 25.48 -36.81 49.52
N PRO C 141 25.25 -37.85 50.32
CA PRO C 141 23.91 -38.42 50.42
C PRO C 141 23.01 -37.48 51.22
N GLY C 142 21.86 -37.18 50.64
CA GLY C 142 20.94 -36.26 51.27
C GLY C 142 19.52 -36.71 51.06
N PRO C 143 18.60 -36.18 51.85
CA PRO C 143 17.19 -36.57 51.70
C PRO C 143 16.47 -35.83 50.59
N LYS C 144 15.55 -36.54 49.95
CA LYS C 144 14.78 -35.98 48.86
C LYS C 144 13.40 -35.62 49.37
N THR C 145 13.15 -35.87 50.66
CA THR C 145 11.89 -35.60 51.33
C THR C 145 12.10 -34.32 52.13
N THR C 146 12.18 -33.23 51.38
CA THR C 146 12.63 -31.95 51.90
C THR C 146 11.47 -30.96 51.81
N SER C 147 11.09 -30.41 52.95
CA SER C 147 10.04 -29.39 53.00
C SER C 147 10.64 -28.00 52.91
N LEU C 148 9.75 -27.00 52.84
CA LEU C 148 10.17 -25.65 52.48
C LEU C 148 10.93 -24.96 53.60
N LYS C 149 10.65 -25.31 54.86
CA LYS C 149 11.24 -24.58 55.98
C LYS C 149 12.66 -25.00 56.30
N THR C 150 13.23 -25.95 55.55
CA THR C 150 14.60 -26.38 55.74
C THR C 150 15.50 -25.56 54.82
N ILE C 151 16.29 -24.66 55.41
CA ILE C 151 17.03 -23.69 54.61
C ILE C 151 18.53 -23.90 54.75
N ASN C 152 19.03 -25.08 55.13
CA ASN C 152 20.48 -25.14 55.25
C ASN C 152 21.15 -25.51 53.94
N CYS C 153 21.15 -24.55 53.04
CA CYS C 153 21.87 -24.65 51.79
C CYS C 153 22.88 -23.53 51.83
N ILE C 154 23.90 -23.65 51.00
CA ILE C 154 24.82 -22.54 50.81
C ILE C 154 24.30 -21.77 49.59
N ASN C 155 23.59 -22.50 48.73
CA ASN C 155 23.00 -22.09 47.46
C ASN C 155 21.56 -21.59 47.56
N LEU C 156 20.87 -21.75 48.68
CA LEU C 156 19.46 -21.39 48.68
C LEU C 156 19.12 -20.34 49.73
N ARG C 157 17.88 -19.87 49.63
CA ARG C 157 17.33 -18.82 50.50
C ARG C 157 15.82 -18.86 50.34
N ALA C 158 15.09 -19.06 51.43
CA ALA C 158 13.66 -19.31 51.39
C ALA C 158 12.93 -18.23 52.18
N SER C 159 12.01 -17.50 51.52
CA SER C 159 11.20 -16.52 52.21
C SER C 159 9.72 -16.85 52.03
N VAL C 160 8.95 -16.65 53.10
CA VAL C 160 7.51 -16.91 53.14
C VAL C 160 6.76 -15.66 53.58
N PHE C 161 5.88 -15.14 52.72
CA PHE C 161 5.04 -14.00 53.11
C PHE C 161 3.64 -14.50 53.40
N LYS C 162 3.44 -15.01 54.62
CA LYS C 162 2.13 -15.48 55.05
C LYS C 162 1.07 -14.39 55.05
N GLU C 163 1.46 -13.13 54.92
CA GLU C 163 0.50 -12.04 54.94
C GLU C 163 -0.19 -11.88 53.60
N HIS C 164 0.53 -12.18 52.51
CA HIS C 164 -0.04 -12.20 51.17
C HIS C 164 -0.06 -13.62 50.60
N ARG C 165 0.28 -14.63 51.41
CA ARG C 165 0.24 -16.04 51.02
C ARG C 165 0.98 -16.27 49.71
N GLU C 166 2.23 -15.82 49.69
CA GLU C 166 3.14 -15.94 48.56
C GLU C 166 4.47 -16.48 49.05
N VAL C 167 5.13 -17.23 48.17
CA VAL C 167 6.39 -17.89 48.48
C VAL C 167 7.43 -17.40 47.49
N GLU C 168 8.53 -16.88 48.01
CA GLU C 168 9.65 -16.37 47.25
C GLU C 168 10.84 -17.28 47.46
N ILE C 169 11.46 -17.68 46.37
CA ILE C 169 12.63 -18.54 46.47
C ILE C 169 13.82 -17.83 45.86
N ASN C 170 14.48 -16.97 46.64
CA ASN C 170 15.65 -16.28 46.13
C ASN C 170 16.74 -17.34 45.99
N VAL C 171 17.49 -17.29 44.89
CA VAL C 171 18.60 -18.19 44.68
C VAL C 171 19.88 -17.38 44.67
N LEU C 172 20.96 -17.98 45.14
CA LEU C 172 22.19 -17.22 45.13
C LEU C 172 23.21 -17.74 44.13
N LEU C 173 23.06 -18.99 43.67
CA LEU C 173 23.88 -19.65 42.65
C LEU C 173 23.14 -19.94 41.36
N PRO C 174 23.12 -19.02 40.41
CA PRO C 174 22.33 -19.21 39.18
C PRO C 174 22.80 -20.38 38.33
N GLN C 175 24.08 -20.73 38.42
CA GLN C 175 24.61 -21.83 37.63
C GLN C 175 23.98 -23.18 38.01
N ILE C 176 23.82 -23.45 39.30
CA ILE C 176 23.03 -24.61 39.71
C ILE C 176 21.60 -24.46 39.24
N ALA C 177 21.08 -25.48 38.55
CA ALA C 177 19.78 -25.31 37.93
C ALA C 177 18.73 -25.74 38.94
N VAL C 178 17.57 -25.11 38.87
CA VAL C 178 16.42 -25.47 39.70
C VAL C 178 15.22 -25.82 38.81
N ASN C 179 15.11 -27.06 38.38
CA ASN C 179 14.01 -27.42 37.49
C ASN C 179 12.70 -27.50 38.27
N LEU C 180 11.70 -26.76 37.82
CA LEU C 180 10.35 -26.74 38.37
C LEU C 180 9.51 -27.87 37.76
N SER C 181 8.45 -28.25 38.47
CA SER C 181 7.52 -29.28 38.00
C SER C 181 6.08 -28.97 38.40
N ASN C 182 5.20 -28.93 37.39
CA ASN C 182 3.77 -28.67 37.54
C ASN C 182 3.58 -27.37 38.31
N CYS C 183 4.20 -26.32 37.77
CA CYS C 183 4.33 -25.09 38.50
C CYS C 183 4.12 -23.93 37.54
N HIS C 184 3.80 -22.79 38.12
CA HIS C 184 3.61 -21.53 37.39
C HIS C 184 4.20 -20.42 38.24
N VAL C 185 5.38 -19.93 37.85
CA VAL C 185 6.11 -18.99 38.67
C VAL C 185 6.35 -17.70 37.89
N VAL C 186 6.78 -16.70 38.63
CA VAL C 186 7.30 -15.46 38.08
C VAL C 186 8.66 -15.29 38.72
N ILE C 187 9.69 -15.17 37.89
CA ILE C 187 11.06 -15.03 38.35
C ILE C 187 11.49 -13.58 38.15
N ASN C 188 12.09 -13.01 39.19
CA ASN C 188 12.57 -11.65 39.16
C ASN C 188 14.09 -11.67 39.17
N SER C 189 14.69 -10.63 38.59
CA SER C 189 16.13 -10.49 38.52
C SER C 189 16.46 -9.05 38.19
N HIS C 190 17.75 -8.74 38.16
CA HIS C 190 18.22 -7.41 37.78
C HIS C 190 18.44 -7.23 36.28
N VAL C 191 18.19 -8.26 35.47
CA VAL C 191 18.35 -8.18 34.03
C VAL C 191 17.02 -8.26 33.30
N CYS C 192 16.12 -9.13 33.77
CA CYS C 192 14.81 -9.31 33.17
C CYS C 192 13.86 -10.14 34.04
N ASP C 193 12.66 -9.60 34.25
CA ASP C 193 11.60 -10.26 34.98
C ASP C 193 10.61 -10.85 33.98
N TYR C 194 10.14 -12.06 34.24
CA TYR C 194 9.18 -12.69 33.36
C TYR C 194 8.57 -13.87 34.11
N SER C 195 7.52 -14.42 33.53
CA SER C 195 6.76 -15.50 34.14
C SER C 195 7.00 -16.81 33.40
N LEU C 196 7.03 -17.91 34.15
CA LEU C 196 7.24 -19.23 33.59
C LEU C 196 6.16 -20.16 34.10
N ASP C 197 5.70 -20.98 33.16
CA ASP C 197 4.78 -22.10 33.35
C ASP C 197 5.32 -23.38 32.71
N THR C 198 6.33 -23.26 31.86
CA THR C 198 6.95 -24.38 31.18
C THR C 198 7.67 -25.29 32.17
N ASP C 199 7.37 -26.58 32.09
CA ASP C 199 7.97 -27.55 32.99
C ASP C 199 9.37 -27.89 32.53
N GLY C 200 10.28 -28.02 33.50
CA GLY C 200 11.67 -28.26 33.21
C GLY C 200 12.57 -27.27 33.90
N PRO C 201 13.75 -27.06 33.31
CA PRO C 201 14.74 -26.15 33.91
C PRO C 201 14.27 -24.72 33.83
N VAL C 202 14.55 -23.94 34.88
CA VAL C 202 14.22 -22.53 34.82
C VAL C 202 15.18 -21.90 33.82
N ARG C 203 14.63 -21.13 32.88
CA ARG C 203 15.42 -20.54 31.81
C ARG C 203 15.87 -19.14 32.18
N LEU C 204 17.20 -18.94 32.26
CA LEU C 204 17.79 -17.66 32.63
C LEU C 204 18.43 -16.97 31.43
N PRO C 205 18.39 -15.63 31.38
CA PRO C 205 19.04 -14.90 30.29
C PRO C 205 20.55 -15.09 30.25
N ARG C 206 21.10 -15.08 29.04
CA ARG C 206 22.53 -15.29 28.80
C ARG C 206 22.97 -14.30 27.73
N ILE C 207 23.78 -13.32 28.13
CA ILE C 207 24.30 -12.30 27.23
C ILE C 207 25.67 -12.70 26.73
N TYR C 208 25.95 -12.46 25.45
CA TYR C 208 27.24 -12.78 24.87
C TYR C 208 27.98 -11.48 24.59
N HIS C 209 29.07 -11.25 25.33
CA HIS C 209 29.90 -10.07 25.11
C HIS C 209 31.29 -10.46 25.61
N GLU C 210 32.14 -10.87 24.67
CA GLU C 210 33.47 -11.43 24.95
C GLU C 210 33.33 -12.70 25.81
N GLY C 211 32.13 -13.25 25.85
CA GLY C 211 31.81 -14.40 26.66
C GLY C 211 30.33 -14.36 27.02
N THR C 212 29.93 -15.35 27.83
CA THR C 212 28.53 -15.52 28.25
C THR C 212 28.33 -14.99 29.66
N PHE C 213 27.48 -13.98 29.83
CA PHE C 213 27.17 -13.40 31.13
C PHE C 213 25.74 -13.67 31.60
N MET C 214 25.62 -14.27 32.78
CA MET C 214 24.31 -14.54 33.34
C MET C 214 24.16 -13.78 34.67
N PRO C 215 22.93 -13.44 35.06
CA PRO C 215 22.72 -12.70 36.32
C PRO C 215 23.24 -13.43 37.55
N GLY C 216 23.59 -12.63 38.57
CA GLY C 216 24.16 -13.16 39.79
C GLY C 216 23.16 -13.82 40.71
N THR C 217 21.91 -13.39 40.67
CA THR C 217 20.89 -13.98 41.52
C THR C 217 19.53 -13.55 41.02
N TYR C 218 18.57 -14.47 41.17
CA TYR C 218 17.19 -14.21 40.79
C TYR C 218 16.25 -14.73 41.87
N LYS C 219 15.05 -14.17 41.90
CA LYS C 219 14.04 -14.51 42.89
C LYS C 219 12.86 -15.14 42.18
N ILE C 220 12.30 -16.19 42.77
CA ILE C 220 11.20 -16.93 42.18
C ILE C 220 10.00 -16.75 43.11
N VAL C 221 9.00 -15.99 42.66
CA VAL C 221 7.80 -15.78 43.44
C VAL C 221 6.70 -16.73 42.94
N ILE C 222 5.96 -17.28 43.90
CA ILE C 222 4.91 -18.26 43.66
C ILE C 222 3.68 -17.83 44.45
N ASP C 223 2.54 -17.67 43.78
CA ASP C 223 1.33 -17.28 44.50
C ASP C 223 0.68 -18.55 45.04
N ARG C 224 0.74 -18.73 46.36
CA ARG C 224 0.13 -19.91 46.97
C ARG C 224 -1.40 -19.87 46.87
N LYS C 225 -1.99 -18.71 47.15
CA LYS C 225 -3.44 -18.48 47.11
C LYS C 225 -4.03 -18.51 45.72
N ASN C 226 -3.23 -18.76 44.69
CA ASN C 226 -3.79 -19.20 43.43
C ASN C 226 -4.32 -20.64 43.60
N LYS C 227 -4.82 -21.22 42.52
CA LYS C 227 -5.02 -22.67 42.48
C LYS C 227 -4.04 -23.32 41.51
N LEU C 228 -3.17 -22.53 40.91
CA LEU C 228 -2.26 -23.00 39.86
C LEU C 228 -1.00 -23.64 40.40
N ASN C 229 -0.52 -23.24 41.58
CA ASN C 229 0.67 -23.93 42.06
C ASN C 229 0.45 -24.82 43.27
N ASP C 230 -0.57 -25.67 43.20
CA ASP C 230 -0.85 -26.56 44.32
C ASP C 230 0.08 -27.75 44.25
N ARG C 231 0.24 -28.34 43.06
CA ARG C 231 1.07 -29.53 42.86
C ARG C 231 2.48 -29.17 42.39
N CYS C 232 2.96 -27.98 42.75
CA CYS C 232 4.27 -27.50 42.33
C CYS C 232 5.39 -28.12 43.17
N THR C 233 6.36 -28.74 42.50
CA THR C 233 7.53 -29.34 43.14
C THR C 233 8.78 -28.82 42.44
N LEU C 234 9.75 -28.30 43.22
CA LEU C 234 11.04 -27.87 42.69
C LEU C 234 12.12 -28.89 43.04
N VAL C 235 12.79 -29.42 42.02
CA VAL C 235 13.93 -30.35 42.19
C VAL C 235 15.23 -29.62 41.86
N THR C 236 16.14 -29.52 42.85
CA THR C 236 17.41 -28.82 42.70
C THR C 236 18.51 -29.57 43.45
N ASN C 237 19.70 -28.96 43.49
CA ASN C 237 20.87 -29.55 44.14
C ASN C 237 21.24 -28.62 45.32
N CYS C 238 20.85 -28.98 46.54
CA CYS C 238 21.20 -28.16 47.70
C CYS C 238 22.67 -28.34 48.05
N VAL C 239 23.38 -27.23 48.27
CA VAL C 239 24.81 -27.29 48.55
C VAL C 239 25.01 -27.07 50.03
N ILE C 240 25.71 -27.99 50.69
CA ILE C 240 26.07 -27.92 52.09
C ILE C 240 27.59 -27.87 52.25
N LYS C 241 28.06 -27.13 53.25
CA LYS C 241 29.49 -27.00 53.46
C LYS C 241 30.05 -28.34 53.91
N GLY C 242 31.32 -28.59 53.61
CA GLY C 242 31.92 -29.88 53.84
C GLY C 242 31.94 -30.37 55.28
N ARG C 246 38.32 -33.25 57.12
CA ARG C 246 39.61 -32.57 57.27
C ARG C 246 40.51 -32.90 56.06
N LYS C 247 41.78 -33.22 56.33
CA LYS C 247 42.84 -33.39 55.34
C LYS C 247 42.67 -32.47 54.14
N GLY C 248 42.62 -31.17 54.40
CA GLY C 248 42.39 -30.16 53.40
C GLY C 248 40.98 -29.60 53.41
N GLN C 249 40.04 -30.27 54.11
CA GLN C 249 38.61 -29.93 54.19
C GLN C 249 38.11 -29.17 52.97
N SER C 250 37.50 -28.01 53.23
CA SER C 250 36.96 -27.08 52.25
C SER C 250 36.27 -27.78 51.08
N VAL C 251 35.64 -28.92 51.34
CA VAL C 251 34.92 -29.59 50.29
C VAL C 251 33.53 -29.00 50.21
N LEU C 252 32.99 -28.94 49.01
CA LEU C 252 31.67 -28.36 48.80
C LEU C 252 30.80 -29.58 48.61
N ARG C 253 29.52 -29.49 48.92
CA ARG C 253 28.79 -30.74 48.78
C ARG C 253 27.55 -30.49 47.94
N GLN C 254 26.91 -31.57 47.52
CA GLN C 254 25.79 -31.49 46.60
C GLN C 254 24.82 -32.62 46.94
N TYR C 255 23.54 -32.32 47.11
CA TYR C 255 22.58 -33.40 47.27
C TYR C 255 21.25 -33.00 46.65
N LYS C 256 20.63 -33.95 45.96
CA LYS C 256 19.38 -33.68 45.28
C LYS C 256 18.27 -33.46 46.30
N THR C 257 17.26 -32.72 45.90
CA THR C 257 16.14 -32.47 46.80
C THR C 257 14.84 -32.25 46.04
N GLU C 258 13.74 -32.64 46.68
CA GLU C 258 12.39 -32.43 46.16
C GLU C 258 11.69 -31.47 47.13
N ILE C 259 11.67 -30.20 46.75
CA ILE C 259 11.05 -29.15 47.53
C ILE C 259 9.63 -29.01 47.03
N LYS C 260 8.65 -29.25 47.89
CA LYS C 260 7.26 -29.15 47.49
C LYS C 260 6.60 -27.91 48.07
N ILE C 261 5.70 -27.34 47.28
CA ILE C 261 4.94 -26.15 47.62
C ILE C 261 3.50 -26.49 47.95
N GLY C 262 3.10 -27.75 47.77
CA GLY C 262 1.78 -28.25 48.02
C GLY C 262 1.09 -27.70 49.24
N LYS C 263 0.05 -26.90 49.01
CA LYS C 263 -0.78 -26.38 50.09
C LYS C 263 -2.03 -27.23 50.28
N ALA C 264 -1.90 -28.56 50.09
CA ALA C 264 -3.04 -29.44 50.24
C ALA C 264 -3.54 -29.56 51.66
N PRO C 265 -2.69 -29.80 52.68
CA PRO C 265 -3.28 -29.90 54.02
C PRO C 265 -3.64 -28.54 54.61
#